data_3CFO
#
_entry.id   3CFO
#
_cell.length_a   82.307
_cell.length_b   116.424
_cell.length_c   198.769
_cell.angle_alpha   90.00
_cell.angle_beta   90.00
_cell.angle_gamma   90.00
#
_symmetry.space_group_name_H-M   'P 21 21 21'
#
loop_
_entity.id
_entity.type
_entity.pdbx_description
1 polymer 'DNA polymerase'
2 non-polymer 'SULFATE ION'
3 non-polymer GUANOSINE
4 water water
#
_entity_poly.entity_id   1
_entity_poly.type   'polypeptide(L)'
_entity_poly.pdbx_seq_one_letter_code
;MKEFYLTVEQIGDSIFERYIDSNGRERTREVEYKPSLFAHCPESQATKYFDIYGKPCTRKLFANMRDASQWIKRMEDIGL
EALGMDDFKLAYLSDTYNYEIKYDHTKIRVANFDIEVTSPDGFPEPSQAKHPIDAITHYDSIDDRFYVFDLLNSPYGNVE
EWSIEIAAKLQEQGGDEVPSEIIDKIIYMPFDNEKELLMEYLNFWQQKTPVILTGWNVESFDIPYVYNRIKNIFGESTAK
RLSPHRKTRVKVIENMYGSREIITLFGISVLDYIDLYKKFSFTNQPSYSLDYISEFELNVGKLKYDGPISKLRESNHQRY
ISYNIIDVYRVLQIDAKRQFINLSLDMGYYAKIQIQSVFSPIKTWDAIIFNSLKEQNKVIPQGRSHPVQPYPGAFVKEPI
PNRYKYVMSFDLTSLYPSIIRQVNISPETIAGTFKVAPLHDYINAVAERPSDVYSCSPNGMMYYKDRDGVVPTEITKVFN
QRKEHKGYMLAAQRNGEIIKEALHNPNLSVDEPLDVDYRFDFSDEIKEKIKKLSAKSLNEMLFRAQRTEVAGMTAQINRK
ALINGLAGALGNVWFRYYDLRNATAITTFGQMALQWIERKVNEYLNEVCGTEGEAFVLYGDTDSIYVSADKIIDKVGESK
FRDTNHWVDFLDKFARERMEPAIDRGFREMCEYMNNKQHLMFMDREAIAGPPLGSKGIGGFWTGKKRYALNVWDMEGTRY
AEPKLKIMGLETQKSSTPKAVQKALKECIRRMLQEGEESLQEYFKEFEKEFRQLNYISIASVSSANNIAKYDVGGFPGPK
CPFHIRGILTYNRAIKGNIDAPQVVEGEKVYVLPLREGNPFGDKCIAWPSGTEITDLIKDDVLHWMDYTVLLEKTFIKPL
EGFTSAAKLDYEKKASLFDMFDFHHHHHH
;
_entity_poly.pdbx_strand_id   A
#
loop_
_chem_comp.id
_chem_comp.type
_chem_comp.name
_chem_comp.formula
GMP non-polymer GUANOSINE 'C10 H13 N5 O5'
SO4 non-polymer 'SULFATE ION' 'O4 S -2'
#
# COMPACT_ATOMS: atom_id res chain seq x y z
N MET A 1 5.76 31.80 -15.93
CA MET A 1 4.33 32.21 -15.86
C MET A 1 3.43 31.02 -15.52
N LYS A 2 2.16 31.33 -15.24
CA LYS A 2 1.14 30.38 -14.76
C LYS A 2 1.42 29.97 -13.32
N GLU A 3 0.81 30.71 -12.39
CA GLU A 3 0.97 30.48 -10.96
C GLU A 3 0.33 29.17 -10.53
N PHE A 4 0.94 28.53 -9.55
CA PHE A 4 0.30 27.43 -8.83
C PHE A 4 0.49 27.59 -7.32
N TYR A 5 -0.36 26.94 -6.54
CA TYR A 5 -0.30 27.04 -5.09
C TYR A 5 0.64 26.01 -4.53
N LEU A 6 1.13 26.24 -3.32
CA LEU A 6 2.00 25.29 -2.64
C LEU A 6 1.25 24.69 -1.47
N THR A 7 0.88 25.53 -0.51
CA THR A 7 0.02 25.11 0.58
C THR A 7 -1.03 26.18 0.76
N VAL A 8 -2.15 25.78 1.36
CA VAL A 8 -3.21 26.70 1.72
C VAL A 8 -3.76 26.31 3.10
N GLU A 9 -4.05 27.31 3.93
CA GLU A 9 -4.72 27.09 5.21
C GLU A 9 -5.77 28.16 5.43
N GLN A 10 -6.72 27.86 6.30
CA GLN A 10 -7.64 28.86 6.80
C GLN A 10 -7.32 29.11 8.26
N ILE A 11 -7.00 30.36 8.58
CA ILE A 11 -6.85 30.76 9.99
C ILE A 11 -7.81 31.90 10.23
N GLY A 12 -8.87 31.61 10.98
CA GLY A 12 -9.98 32.54 11.15
C GLY A 12 -10.50 33.01 9.80
N ASP A 13 -10.46 34.33 9.60
CA ASP A 13 -11.11 34.95 8.46
C ASP A 13 -10.20 35.18 7.26
N SER A 14 -8.99 34.65 7.31
CA SER A 14 -8.14 34.73 6.14
C SER A 14 -7.60 33.38 5.72
N ILE A 15 -7.37 33.27 4.41
CA ILE A 15 -6.71 32.15 3.79
C ILE A 15 -5.23 32.51 3.72
N PHE A 16 -4.37 31.65 4.27
CA PHE A 16 -2.93 31.83 4.18
C PHE A 16 -2.42 30.88 3.13
N GLU A 17 -1.89 31.43 2.04
CA GLU A 17 -1.38 30.61 0.95
C GLU A 17 0.10 30.82 0.67
N ARG A 18 0.81 29.72 0.48
CA ARG A 18 2.16 29.73 -0.09
C ARG A 18 2.03 29.33 -1.55
N TYR A 19 2.75 30.01 -2.45
CA TYR A 19 2.56 29.78 -3.88
C TYR A 19 3.75 30.24 -4.72
N ILE A 20 3.78 29.73 -5.95
CA ILE A 20 4.77 30.10 -6.94
C ILE A 20 4.14 31.09 -7.90
N ASP A 21 4.71 32.28 -7.99
CA ASP A 21 4.16 33.31 -8.87
C ASP A 21 4.63 33.17 -10.32
N SER A 22 4.08 34.02 -11.18
CA SER A 22 4.42 34.07 -12.61
C SER A 22 5.93 34.06 -12.86
N ASN A 23 6.69 34.81 -12.05
CA ASN A 23 8.15 34.83 -12.16
C ASN A 23 8.81 33.50 -11.79
N GLY A 24 8.11 32.69 -11.00
CA GLY A 24 8.65 31.40 -10.55
C GLY A 24 9.15 31.48 -9.12
N ARG A 25 8.89 32.60 -8.46
CA ARG A 25 9.35 32.86 -7.11
C ARG A 25 8.31 32.36 -6.11
N GLU A 26 8.78 31.82 -4.99
CA GLU A 26 7.90 31.39 -3.92
C GLU A 26 7.50 32.56 -3.05
N ARG A 27 6.20 32.78 -2.92
CA ARG A 27 5.71 33.86 -2.05
C ARG A 27 4.63 33.40 -1.07
N THR A 28 4.16 34.34 -0.26
CA THR A 28 3.12 34.08 0.71
C THR A 28 2.15 35.25 0.75
N ARG A 29 0.86 34.95 0.60
CA ARG A 29 -0.18 35.96 0.74
C ARG A 29 -1.25 35.53 1.73
N GLU A 30 -1.88 36.52 2.34
CA GLU A 30 -2.97 36.33 3.26
C GLU A 30 -4.20 36.97 2.62
N VAL A 31 -5.22 36.16 2.35
CA VAL A 31 -6.39 36.64 1.60
C VAL A 31 -7.64 36.54 2.44
N GLU A 32 -8.33 37.66 2.62
CA GLU A 32 -9.60 37.67 3.33
C GLU A 32 -10.73 37.24 2.39
N TYR A 33 -10.78 35.94 2.15
CA TYR A 33 -11.65 35.31 1.17
C TYR A 33 -13.12 35.48 1.50
N LYS A 34 -13.91 35.69 0.45
CA LYS A 34 -15.33 35.88 0.56
C LYS A 34 -16.06 34.73 -0.13
N PRO A 35 -16.43 33.69 0.65
CA PRO A 35 -17.07 32.49 0.12
C PRO A 35 -18.48 32.72 -0.43
N SER A 36 -18.92 31.78 -1.27
CA SER A 36 -20.31 31.72 -1.68
C SER A 36 -20.91 30.40 -1.29
N LEU A 37 -22.14 30.45 -0.80
CA LEU A 37 -22.92 29.25 -0.56
C LEU A 37 -24.29 29.42 -1.17
N PHE A 38 -25.11 28.38 -1.07
CA PHE A 38 -26.38 28.36 -1.77
C PHE A 38 -27.57 27.91 -0.93
N ALA A 39 -28.74 28.46 -1.25
CA ALA A 39 -30.01 28.07 -0.66
C ALA A 39 -30.97 27.72 -1.79
N HIS A 40 -31.88 26.79 -1.53
CA HIS A 40 -32.92 26.49 -2.49
C HIS A 40 -33.77 27.72 -2.66
N CYS A 41 -34.19 27.99 -3.88
CA CYS A 41 -34.91 29.21 -4.16
C CYS A 41 -35.98 28.97 -5.19
N PRO A 42 -37.21 28.68 -4.74
CA PRO A 42 -38.41 28.68 -5.58
C PRO A 42 -38.31 29.70 -6.73
N GLU A 43 -38.16 29.16 -7.94
CA GLU A 43 -37.60 29.84 -9.11
C GLU A 43 -38.30 31.13 -9.55
N SER A 44 -38.19 32.17 -8.72
CA SER A 44 -38.86 33.44 -9.00
C SER A 44 -37.97 34.37 -9.83
N GLN A 45 -36.68 34.04 -9.91
CA GLN A 45 -35.74 34.69 -10.83
C GLN A 45 -35.03 33.64 -11.68
N ALA A 46 -35.29 33.66 -12.99
CA ALA A 46 -34.66 32.76 -13.96
C ALA A 46 -33.19 32.51 -13.61
N THR A 47 -32.95 31.37 -12.94
CA THR A 47 -31.66 31.14 -12.29
C THR A 47 -30.71 30.32 -13.14
N LYS A 48 -29.41 30.57 -12.99
CA LYS A 48 -28.41 29.75 -13.66
C LYS A 48 -28.03 28.52 -12.82
N TYR A 49 -28.22 28.63 -11.50
CA TYR A 49 -27.77 27.61 -10.53
C TYR A 49 -28.83 26.57 -10.15
N PHE A 50 -28.51 25.30 -10.39
CA PHE A 50 -29.39 24.19 -10.01
C PHE A 50 -28.63 23.16 -9.18
N ASP A 51 -29.30 22.51 -8.24
CA ASP A 51 -28.68 21.40 -7.50
C ASP A 51 -28.62 20.14 -8.38
N ILE A 52 -28.06 19.04 -7.87
CA ILE A 52 -27.86 17.87 -8.72
C ILE A 52 -29.18 17.18 -9.07
N TYR A 53 -30.26 17.60 -8.41
CA TYR A 53 -31.59 17.05 -8.63
C TYR A 53 -32.44 17.93 -9.53
N GLY A 54 -31.90 19.09 -9.91
CA GLY A 54 -32.57 20.00 -10.84
C GLY A 54 -33.30 21.15 -10.18
N LYS A 55 -33.34 21.15 -8.85
CA LYS A 55 -33.97 22.22 -8.08
C LYS A 55 -33.18 23.52 -8.22
N PRO A 56 -33.87 24.65 -8.43
CA PRO A 56 -33.19 25.94 -8.59
C PRO A 56 -32.59 26.45 -7.28
N CYS A 57 -31.51 27.23 -7.37
CA CYS A 57 -30.82 27.75 -6.20
C CYS A 57 -30.46 29.23 -6.37
N THR A 58 -30.16 29.88 -5.25
CA THR A 58 -29.68 31.26 -5.27
C THR A 58 -28.36 31.35 -4.50
N ARG A 59 -27.46 32.22 -4.96
CA ARG A 59 -26.15 32.38 -4.37
C ARG A 59 -26.15 33.39 -3.24
N LYS A 60 -25.56 33.02 -2.11
CA LYS A 60 -25.32 33.97 -1.02
C LYS A 60 -23.82 34.21 -0.94
N LEU A 61 -23.43 35.48 -0.89
CA LEU A 61 -22.03 35.85 -0.89
C LEU A 61 -21.70 36.52 0.43
N PHE A 62 -20.69 36.04 1.13
CA PHE A 62 -20.46 36.49 2.50
C PHE A 62 -19.26 37.43 2.66
N ALA A 63 -19.35 38.30 3.67
CA ALA A 63 -18.27 39.27 3.97
C ALA A 63 -16.99 38.56 4.39
N ASN A 64 -17.15 37.49 5.16
CA ASN A 64 -16.04 36.71 5.62
C ASN A 64 -16.47 35.28 5.88
N MET A 65 -15.48 34.38 5.92
CA MET A 65 -15.75 32.96 6.09
C MET A 65 -16.50 32.64 7.39
N ARG A 66 -16.17 33.34 8.47
CA ARG A 66 -16.86 33.15 9.75
C ARG A 66 -18.38 33.39 9.65
N ASP A 67 -18.79 34.44 8.94
CA ASP A 67 -20.19 34.71 8.67
C ASP A 67 -20.81 33.55 7.92
N ALA A 68 -20.06 33.01 6.97
CA ALA A 68 -20.52 31.92 6.12
C ALA A 68 -20.85 30.67 6.95
N SER A 69 -19.99 30.38 7.92
CA SER A 69 -20.21 29.28 8.85
C SER A 69 -21.46 29.49 9.71
N GLN A 70 -21.62 30.70 10.25
CA GLN A 70 -22.81 31.03 11.04
C GLN A 70 -24.05 30.70 10.23
N TRP A 71 -24.06 31.16 8.98
CA TRP A 71 -25.16 30.97 8.08
C TRP A 71 -25.52 29.50 7.90
N ILE A 72 -24.52 28.68 7.59
CA ILE A 72 -24.74 27.25 7.48
C ILE A 72 -25.43 26.73 8.74
N LYS A 73 -24.86 27.09 9.89
CA LYS A 73 -25.35 26.65 11.19
C LYS A 73 -26.79 27.11 11.43
N ARG A 74 -27.08 28.38 11.13
CA ARG A 74 -28.44 28.95 11.14
C ARG A 74 -29.40 28.18 10.23
N MET A 75 -29.02 28.04 8.96
CA MET A 75 -29.80 27.31 7.97
C MET A 75 -30.17 25.92 8.45
N GLU A 76 -29.20 25.22 9.01
CA GLU A 76 -29.41 23.85 9.43
C GLU A 76 -30.30 23.73 10.65
N ASP A 77 -30.19 24.69 11.57
CA ASP A 77 -31.10 24.74 12.73
C ASP A 77 -32.53 24.87 12.28
N ILE A 78 -32.79 25.74 11.30
CA ILE A 78 -34.16 25.94 10.79
C ILE A 78 -34.67 24.66 10.16
N GLY A 79 -33.78 23.99 9.42
CA GLY A 79 -34.10 22.75 8.71
C GLY A 79 -33.85 22.84 7.22
N LEU A 80 -33.39 24.00 6.77
CA LEU A 80 -33.15 24.27 5.35
C LEU A 80 -31.81 23.69 4.91
N GLU A 81 -31.67 23.41 3.62
CA GLU A 81 -30.44 22.81 3.11
C GLU A 81 -29.43 23.90 2.83
N ALA A 82 -28.26 23.79 3.44
CA ALA A 82 -27.15 24.69 3.18
C ALA A 82 -26.27 24.11 2.07
N LEU A 83 -26.55 24.50 0.83
CA LEU A 83 -25.83 23.95 -0.33
C LEU A 83 -24.50 24.65 -0.63
N GLY A 84 -23.55 23.92 -1.22
CA GLY A 84 -22.28 24.50 -1.64
C GLY A 84 -21.06 24.02 -0.88
N MET A 85 -19.89 24.51 -1.28
CA MET A 85 -18.61 24.04 -0.76
C MET A 85 -18.29 24.66 0.59
N ASP A 86 -18.61 23.90 1.64
CA ASP A 86 -18.42 24.35 3.01
C ASP A 86 -16.97 24.31 3.50
N ASP A 87 -16.09 23.62 2.77
CA ASP A 87 -14.64 23.74 2.97
C ASP A 87 -14.10 24.87 2.10
N PHE A 88 -13.83 26.01 2.73
CA PHE A 88 -13.49 27.22 2.01
C PHE A 88 -12.09 27.19 1.39
N LYS A 89 -11.20 26.37 1.95
CA LYS A 89 -9.90 26.18 1.33
C LYS A 89 -10.11 25.73 -0.12
N LEU A 90 -10.99 24.75 -0.31
CA LEU A 90 -11.25 24.16 -1.63
C LEU A 90 -11.91 25.15 -2.57
N ALA A 91 -12.87 25.90 -2.02
CA ALA A 91 -13.54 26.94 -2.77
C ALA A 91 -12.53 27.98 -3.21
N TYR A 92 -11.64 28.35 -2.31
CA TYR A 92 -10.59 29.33 -2.61
C TYR A 92 -9.71 28.84 -3.77
N LEU A 93 -9.27 27.58 -3.68
CA LEU A 93 -8.39 27.02 -4.69
C LEU A 93 -9.08 26.95 -6.06
N SER A 94 -10.35 26.60 -6.05
CA SER A 94 -11.16 26.50 -7.26
C SER A 94 -11.32 27.85 -7.95
N ASP A 95 -11.50 28.90 -7.15
CA ASP A 95 -11.66 30.25 -7.70
C ASP A 95 -10.35 30.82 -8.19
N THR A 96 -9.28 30.60 -7.42
CA THR A 96 -7.98 31.20 -7.66
C THR A 96 -7.26 30.45 -8.78
N TYR A 97 -7.53 29.16 -8.90
CA TYR A 97 -6.93 28.36 -9.95
C TYR A 97 -8.05 27.76 -10.77
N ASN A 98 -8.74 28.64 -11.49
CA ASN A 98 -9.87 28.25 -12.29
C ASN A 98 -9.42 27.87 -13.70
N TYR A 99 -8.36 27.07 -13.73
CA TYR A 99 -7.84 26.54 -14.97
C TYR A 99 -7.13 25.25 -14.62
N GLU A 100 -6.64 24.57 -15.65
CA GLU A 100 -5.89 23.35 -15.46
C GLU A 100 -4.48 23.74 -15.04
N ILE A 101 -4.12 23.37 -13.81
CA ILE A 101 -2.85 23.73 -13.20
C ILE A 101 -1.65 23.05 -13.88
N LYS A 102 -0.71 23.85 -14.36
CA LYS A 102 0.55 23.30 -14.84
C LYS A 102 1.62 23.68 -13.82
N TYR A 103 2.23 22.68 -13.18
CA TYR A 103 3.17 22.95 -12.11
C TYR A 103 4.59 22.52 -12.44
N ASP A 104 5.55 23.28 -11.93
CA ASP A 104 6.96 22.97 -12.08
C ASP A 104 7.46 22.36 -10.78
N HIS A 105 7.65 21.05 -10.79
CA HIS A 105 8.08 20.32 -9.60
C HIS A 105 9.42 20.80 -9.02
N THR A 106 10.30 21.34 -9.88
CA THR A 106 11.64 21.79 -9.45
C THR A 106 11.58 23.02 -8.56
N LYS A 107 10.43 23.68 -8.53
CA LYS A 107 10.23 24.86 -7.68
C LYS A 107 9.54 24.49 -6.35
N ILE A 108 9.19 23.22 -6.20
CA ILE A 108 8.54 22.75 -4.98
C ILE A 108 9.55 22.15 -4.01
N ARG A 109 9.71 22.78 -2.85
CA ARG A 109 10.66 22.30 -1.86
C ARG A 109 10.13 21.05 -1.16
N VAL A 110 10.72 19.91 -1.52
CA VAL A 110 10.36 18.61 -0.96
C VAL A 110 11.49 18.21 -0.01
N ALA A 111 11.18 18.19 1.28
CA ALA A 111 12.17 17.78 2.29
C ALA A 111 11.92 16.34 2.66
N ASN A 112 13.01 15.60 2.77
CA ASN A 112 13.01 14.19 3.17
C ASN A 112 13.96 14.13 4.36
N PHE A 113 13.46 13.74 5.53
CA PHE A 113 14.32 13.75 6.70
C PHE A 113 14.13 12.57 7.65
N ASP A 114 15.13 12.36 8.49
CA ASP A 114 15.07 11.38 9.55
C ASP A 114 15.92 11.84 10.73
N ILE A 115 15.55 11.41 11.93
CA ILE A 115 16.32 11.75 13.10
C ILE A 115 16.75 10.53 13.90
N GLU A 116 17.74 10.71 14.77
CA GLU A 116 18.14 9.65 15.68
C GLU A 116 18.04 10.19 17.07
N VAL A 117 17.61 9.36 18.00
CA VAL A 117 17.50 9.74 19.40
C VAL A 117 17.93 8.58 20.26
N THR A 118 19.10 8.71 20.90
CA THR A 118 19.61 7.66 21.76
C THR A 118 18.83 7.68 23.06
N SER A 119 18.37 6.51 23.50
CA SER A 119 17.76 6.39 24.81
C SER A 119 18.20 5.08 25.43
N PRO A 120 18.41 5.04 26.76
CA PRO A 120 18.91 3.83 27.40
C PRO A 120 18.11 2.57 27.08
N ASP A 121 16.80 2.71 26.85
CA ASP A 121 15.95 1.57 26.45
C ASP A 121 15.66 1.47 24.94
N GLY A 122 16.02 2.50 24.18
CA GLY A 122 16.02 2.40 22.71
C GLY A 122 14.78 2.80 21.93
N PHE A 123 13.66 3.00 22.65
CA PHE A 123 12.37 3.40 22.02
C PHE A 123 11.73 4.64 22.68
N PRO A 124 12.25 5.85 22.38
CA PRO A 124 11.87 7.08 23.08
C PRO A 124 10.54 7.65 22.63
N GLU A 125 9.72 8.04 23.59
CA GLU A 125 8.37 8.48 23.32
C GLU A 125 8.33 9.93 22.79
N PRO A 126 7.83 10.12 21.55
CA PRO A 126 7.81 11.44 20.93
C PRO A 126 7.04 12.49 21.70
N SER A 127 5.98 12.10 22.40
CA SER A 127 5.18 13.05 23.15
C SER A 127 5.95 13.63 24.32
N GLN A 128 6.86 12.83 24.90
CA GLN A 128 7.60 13.26 26.07
C GLN A 128 8.92 13.91 25.73
N ALA A 129 9.61 13.39 24.71
CA ALA A 129 10.90 13.91 24.23
C ALA A 129 11.88 14.19 25.36
N LYS A 130 12.13 13.16 26.18
CA LYS A 130 13.04 13.27 27.33
C LYS A 130 14.50 13.33 26.89
N HIS A 131 14.77 12.80 25.71
CA HIS A 131 16.14 12.52 25.26
C HIS A 131 16.64 13.43 24.15
N PRO A 132 17.94 13.79 24.19
CA PRO A 132 18.53 14.63 23.14
C PRO A 132 18.44 14.04 21.73
N ILE A 133 18.14 14.89 20.76
CA ILE A 133 18.23 14.53 19.36
C ILE A 133 19.70 14.60 19.07
N ASP A 134 20.28 13.50 18.61
CA ASP A 134 21.72 13.46 18.42
C ASP A 134 22.17 13.24 16.98
N ALA A 135 21.20 13.14 16.05
CA ALA A 135 21.47 13.13 14.62
C ALA A 135 20.21 13.45 13.81
N ILE A 136 20.38 14.36 12.84
CA ILE A 136 19.34 14.69 11.87
C ILE A 136 19.96 14.72 10.48
N THR A 137 19.42 13.93 9.56
CA THR A 137 19.71 14.14 8.14
C THR A 137 18.46 14.72 7.47
N HIS A 138 18.64 15.88 6.86
CA HIS A 138 17.56 16.61 6.18
C HIS A 138 17.94 16.80 4.70
N TYR A 139 17.31 16.04 3.82
CA TYR A 139 17.53 16.24 2.39
C TYR A 139 16.57 17.31 1.84
N ASP A 140 17.11 18.20 1.02
CA ASP A 140 16.35 19.27 0.40
C ASP A 140 16.37 19.08 -1.10
N SER A 141 15.19 19.05 -1.71
CA SER A 141 15.10 18.74 -3.14
C SER A 141 15.57 19.88 -4.06
N ILE A 142 15.36 21.12 -3.61
CA ILE A 142 15.81 22.30 -4.38
C ILE A 142 17.35 22.44 -4.35
N ASP A 143 17.97 22.23 -3.19
CA ASP A 143 19.43 22.25 -3.07
C ASP A 143 20.06 20.96 -3.59
N ASP A 144 19.30 19.87 -3.52
CA ASP A 144 19.84 18.53 -3.77
C ASP A 144 21.06 18.29 -2.88
N ARG A 145 20.87 18.53 -1.58
CA ARG A 145 21.92 18.37 -0.59
C ARG A 145 21.37 17.66 0.65
N PHE A 146 22.24 16.89 1.32
CA PHE A 146 21.88 16.25 2.57
C PHE A 146 22.52 17.04 3.69
N TYR A 147 21.68 17.67 4.50
CA TYR A 147 22.20 18.41 5.64
C TYR A 147 22.21 17.52 6.87
N VAL A 148 23.41 17.32 7.41
CA VAL A 148 23.62 16.38 8.50
C VAL A 148 24.00 17.14 9.77
N PHE A 149 23.18 16.96 10.79
CA PHE A 149 23.39 17.62 12.06
C PHE A 149 23.78 16.54 13.06
N ASP A 150 25.00 16.64 13.57
CA ASP A 150 25.57 15.59 14.41
C ASP A 150 25.83 16.13 15.80
N LEU A 151 25.34 15.41 16.82
CA LEU A 151 25.62 15.81 18.19
C LEU A 151 26.84 15.09 18.77
N LEU A 152 27.87 15.86 19.12
CA LEU A 152 29.14 15.30 19.60
C LEU A 152 29.14 15.02 21.10
N ASN A 153 28.48 15.87 21.88
CA ASN A 153 28.36 15.70 23.32
C ASN A 153 26.94 15.48 23.78
N SER A 154 26.73 14.32 24.39
CA SER A 154 25.44 13.94 24.93
C SER A 154 25.70 13.46 26.34
N PRO A 155 24.67 13.49 27.22
CA PRO A 155 24.82 12.81 28.50
C PRO A 155 25.05 11.30 28.34
N TYR A 156 24.71 10.76 27.17
CA TYR A 156 24.84 9.33 26.88
C TYR A 156 26.15 8.94 26.19
N GLY A 157 27.10 9.86 26.17
CA GLY A 157 28.38 9.60 25.50
C GLY A 157 28.84 10.76 24.66
N ASN A 158 30.16 10.97 24.62
CA ASN A 158 30.75 11.96 23.75
C ASN A 158 31.51 11.25 22.66
N VAL A 159 31.51 11.85 21.47
CA VAL A 159 32.04 11.19 20.27
C VAL A 159 32.85 12.13 19.40
N GLU A 160 33.65 11.54 18.52
CA GLU A 160 34.44 12.28 17.53
C GLU A 160 33.54 12.63 16.36
N GLU A 161 34.01 13.52 15.49
CA GLU A 161 33.30 13.82 14.26
C GLU A 161 33.23 12.56 13.40
N TRP A 162 32.18 12.49 12.59
CA TRP A 162 32.01 11.42 11.64
C TRP A 162 32.99 11.70 10.50
N SER A 163 33.50 10.66 9.86
CA SER A 163 34.41 10.86 8.72
C SER A 163 33.81 10.54 7.35
N ILE A 164 33.73 11.57 6.51
CA ILE A 164 33.23 11.40 5.14
C ILE A 164 34.13 10.44 4.36
N GLU A 165 35.43 10.45 4.65
CA GLU A 165 36.35 9.59 3.93
C GLU A 165 36.18 8.15 4.37
N ILE A 166 35.89 7.92 5.65
CA ILE A 166 35.61 6.56 6.09
C ILE A 166 34.25 6.11 5.55
N ALA A 167 33.29 7.03 5.56
CA ALA A 167 31.95 6.77 5.04
C ALA A 167 31.94 6.25 3.60
N ALA A 168 32.80 6.82 2.76
CA ALA A 168 32.92 6.42 1.36
C ALA A 168 33.61 5.07 1.09
N LYS A 169 34.50 4.62 1.98
CA LYS A 169 35.22 3.34 1.77
C LYS A 169 34.30 2.11 1.76
N LEU A 170 34.79 1.01 1.16
CA LEU A 170 34.07 -0.26 1.18
C LEU A 170 34.08 -0.88 2.58
N GLN A 171 33.12 -1.76 2.84
CA GLN A 171 33.01 -2.46 4.13
C GLN A 171 34.34 -3.04 4.57
N GLU A 172 35.06 -3.68 3.65
CA GLU A 172 36.30 -4.36 4.00
C GLU A 172 37.49 -3.43 4.26
N GLN A 173 37.41 -2.16 3.83
CA GLN A 173 38.37 -1.15 4.31
C GLN A 173 37.85 -0.45 5.56
N GLY A 174 36.81 -1.03 6.17
CA GLY A 174 36.22 -0.46 7.38
C GLY A 174 35.32 0.74 7.12
N GLY A 175 34.82 0.85 5.90
CA GLY A 175 33.99 1.99 5.51
C GLY A 175 32.51 1.71 5.62
N ASP A 176 31.69 2.66 5.18
CA ASP A 176 30.24 2.52 5.30
C ASP A 176 29.55 2.29 3.96
N GLU A 177 30.30 2.47 2.88
CA GLU A 177 29.79 2.33 1.51
C GLU A 177 28.61 3.27 1.21
N VAL A 178 28.70 4.49 1.75
CA VAL A 178 27.82 5.57 1.36
C VAL A 178 28.18 5.84 -0.09
N PRO A 179 27.18 5.76 -1.01
CA PRO A 179 27.42 5.81 -2.46
C PRO A 179 28.13 7.07 -2.90
N SER A 180 28.89 6.98 -3.97
CA SER A 180 29.59 8.17 -4.48
C SER A 180 28.62 9.23 -5.01
N GLU A 181 27.53 8.81 -5.64
CA GLU A 181 26.55 9.76 -6.19
C GLU A 181 25.85 10.61 -5.12
N ILE A 182 26.20 10.42 -3.85
CA ILE A 182 25.72 11.31 -2.80
C ILE A 182 26.82 11.75 -1.86
N ILE A 183 27.98 11.11 -1.96
CA ILE A 183 29.10 11.45 -1.09
C ILE A 183 29.44 12.93 -1.20
N ASP A 184 29.40 13.44 -2.42
CA ASP A 184 29.70 14.85 -2.67
C ASP A 184 28.53 15.80 -2.39
N LYS A 185 27.37 15.24 -2.04
CA LYS A 185 26.16 16.03 -1.78
C LYS A 185 25.84 16.23 -0.30
N ILE A 186 26.76 15.79 0.57
CA ILE A 186 26.55 15.88 2.00
C ILE A 186 27.17 17.14 2.59
N ILE A 187 26.37 17.88 3.36
CA ILE A 187 26.88 18.99 4.13
C ILE A 187 26.80 18.64 5.62
N TYR A 188 27.98 18.40 6.21
CA TYR A 188 28.07 17.88 7.58
C TYR A 188 28.30 18.99 8.58
N MET A 189 27.44 19.08 9.59
CA MET A 189 27.61 20.07 10.66
C MET A 189 27.61 19.40 12.02
N PRO A 190 28.79 19.32 12.68
CA PRO A 190 28.83 18.81 14.05
C PRO A 190 28.51 19.90 15.06
N PHE A 191 28.06 19.50 16.24
CA PHE A 191 27.67 20.46 17.25
C PHE A 191 28.13 19.99 18.61
N ASP A 192 28.59 20.95 19.41
CA ASP A 192 29.09 20.69 20.74
C ASP A 192 28.01 20.39 21.74
N ASN A 193 26.83 20.95 21.52
CA ASN A 193 25.70 20.65 22.39
C ASN A 193 24.40 20.72 21.64
N GLU A 194 23.36 20.11 22.23
CA GLU A 194 22.05 19.95 21.60
C GLU A 194 21.37 21.28 21.28
N LYS A 195 21.53 22.26 22.17
CA LYS A 195 20.88 23.56 21.99
C LYS A 195 21.39 24.25 20.73
N GLU A 196 22.70 24.15 20.49
CA GLU A 196 23.34 24.66 19.28
C GLU A 196 22.70 24.05 18.05
N LEU A 197 22.62 22.73 18.06
CA LEU A 197 22.16 21.97 16.92
C LEU A 197 20.69 22.29 16.62
N LEU A 198 19.86 22.23 17.66
CA LEU A 198 18.45 22.51 17.49
C LEU A 198 18.24 23.93 16.99
N MET A 199 18.96 24.90 17.55
CA MET A 199 18.82 26.30 17.10
C MET A 199 19.23 26.48 15.65
N GLU A 200 20.27 25.78 15.24
CA GLU A 200 20.77 25.88 13.89
C GLU A 200 19.77 25.25 12.93
N TYR A 201 19.20 24.12 13.36
CA TYR A 201 18.25 23.39 12.54
C TYR A 201 16.98 24.20 12.35
N LEU A 202 16.53 24.85 13.41
CA LEU A 202 15.35 25.68 13.35
C LEU A 202 15.57 26.89 12.43
N ASN A 203 16.77 27.47 12.49
CA ASN A 203 17.14 28.58 11.63
C ASN A 203 17.22 28.12 10.18
N PHE A 204 17.74 26.91 10.02
CA PHE A 204 17.86 26.22 8.74
C PHE A 204 16.48 26.07 8.10
N TRP A 205 15.53 25.64 8.93
CA TRP A 205 14.16 25.41 8.56
C TRP A 205 13.48 26.72 8.11
N GLN A 206 13.83 27.84 8.73
CA GLN A 206 13.24 29.13 8.33
C GLN A 206 13.75 29.54 6.96
N GLN A 207 15.01 29.21 6.65
CA GLN A 207 15.59 29.56 5.37
C GLN A 207 15.10 28.64 4.26
N LYS A 208 14.82 27.38 4.60
CA LYS A 208 14.45 26.37 3.61
C LYS A 208 13.19 25.62 4.03
N THR A 209 12.11 26.35 4.29
CA THR A 209 10.86 25.80 4.79
C THR A 209 10.25 24.81 3.81
N PRO A 210 10.15 23.53 4.21
CA PRO A 210 9.60 22.50 3.35
C PRO A 210 8.18 22.83 2.93
N VAL A 211 7.89 22.72 1.64
CA VAL A 211 6.51 22.71 1.18
C VAL A 211 5.96 21.32 1.41
N ILE A 212 6.63 20.33 0.83
CA ILE A 212 6.30 18.96 1.07
C ILE A 212 7.35 18.34 1.95
N LEU A 213 6.89 17.67 3.00
CA LEU A 213 7.74 17.08 4.02
C LEU A 213 7.45 15.59 4.11
N THR A 214 8.49 14.78 4.05
CA THR A 214 8.33 13.34 4.00
C THR A 214 9.51 12.56 4.68
N GLY A 215 9.55 11.25 4.49
CA GLY A 215 10.49 10.37 5.17
C GLY A 215 9.77 9.12 5.66
N TRP A 216 10.45 8.29 6.42
CA TRP A 216 9.85 7.09 6.95
C TRP A 216 9.39 7.29 8.41
N ASN A 217 8.09 7.18 8.64
CA ASN A 217 7.51 7.39 9.97
C ASN A 217 7.66 8.80 10.50
N VAL A 218 7.84 9.77 9.61
CA VAL A 218 8.05 11.13 10.08
C VAL A 218 6.86 11.65 10.85
N GLU A 219 5.67 11.14 10.50
CA GLU A 219 4.44 11.61 11.14
C GLU A 219 4.29 11.06 12.55
N SER A 220 4.65 9.81 12.76
CA SER A 220 4.45 9.20 14.07
C SER A 220 5.65 9.34 15.01
N PHE A 221 6.81 9.70 14.47
CA PHE A 221 7.99 9.81 15.32
C PHE A 221 8.76 11.10 15.11
N ASP A 222 9.31 11.26 13.91
CA ASP A 222 10.33 12.26 13.68
C ASP A 222 9.81 13.70 13.91
N ILE A 223 8.71 14.08 13.23
CA ILE A 223 8.11 15.41 13.41
C ILE A 223 7.61 15.68 14.84
N PRO A 224 6.83 14.75 15.43
CA PRO A 224 6.42 14.99 16.81
C PRO A 224 7.61 15.13 17.75
N TYR A 225 8.64 14.33 17.52
CA TYR A 225 9.81 14.35 18.42
C TYR A 225 10.53 15.67 18.35
N VAL A 226 10.79 16.19 17.15
CA VAL A 226 11.52 17.44 17.11
C VAL A 226 10.70 18.56 17.68
N TYR A 227 9.39 18.52 17.43
CA TYR A 227 8.47 19.54 17.92
C TYR A 227 8.43 19.58 19.45
N ASN A 228 8.18 18.43 20.07
CA ASN A 228 8.21 18.35 21.51
C ASN A 228 9.59 18.68 22.11
N ARG A 229 10.65 18.12 21.53
CA ARG A 229 12.00 18.41 22.00
C ARG A 229 12.26 19.90 22.02
N ILE A 230 11.90 20.60 20.94
CA ILE A 230 12.12 22.03 20.87
C ILE A 230 11.26 22.77 21.90
N LYS A 231 10.00 22.34 22.02
CA LYS A 231 9.05 22.92 22.95
C LYS A 231 9.57 22.77 24.36
N ASN A 232 10.11 21.60 24.65
CA ASN A 232 10.67 21.29 25.98
C ASN A 232 11.87 22.14 26.31
N ILE A 233 12.84 22.21 25.40
CA ILE A 233 14.05 22.96 25.66
C ILE A 233 13.85 24.47 25.54
N PHE A 234 13.05 24.90 24.57
CA PHE A 234 12.98 26.32 24.23
C PHE A 234 11.69 27.02 24.56
N GLY A 235 10.59 26.27 24.62
CA GLY A 235 9.28 26.85 24.80
C GLY A 235 8.44 26.68 23.55
N GLU A 236 7.13 26.74 23.74
CA GLU A 236 6.16 26.51 22.68
C GLU A 236 6.27 27.50 21.52
N SER A 237 6.46 28.77 21.83
CA SER A 237 6.61 29.83 20.83
C SER A 237 7.70 29.52 19.82
N THR A 238 8.78 28.93 20.31
CA THR A 238 9.92 28.57 19.48
C THR A 238 9.58 27.35 18.61
N ALA A 239 8.99 26.34 19.24
CA ALA A 239 8.57 25.13 18.55
C ALA A 239 7.57 25.43 17.44
N LYS A 240 6.78 26.50 17.60
CA LYS A 240 5.78 26.85 16.60
C LYS A 240 6.38 27.47 15.35
N ARG A 241 7.65 27.87 15.45
CA ARG A 241 8.37 28.44 14.31
C ARG A 241 8.65 27.37 13.25
N LEU A 242 8.37 26.11 13.58
CA LEU A 242 8.37 25.02 12.62
C LEU A 242 7.22 25.11 11.60
N SER A 243 6.21 25.93 11.89
CA SER A 243 5.17 26.25 10.94
C SER A 243 5.45 27.62 10.33
N PRO A 244 5.39 27.73 9.00
CA PRO A 244 5.61 29.05 8.39
C PRO A 244 4.56 30.07 8.81
N HIS A 245 3.43 29.62 9.33
CA HIS A 245 2.42 30.58 9.78
C HIS A 245 2.36 30.63 11.30
N ARG A 246 3.36 30.01 11.93
CA ARG A 246 3.49 29.97 13.39
C ARG A 246 2.24 29.42 14.07
N LYS A 247 1.54 28.53 13.37
CA LYS A 247 0.37 27.86 13.95
C LYS A 247 0.50 26.33 13.95
N THR A 248 -0.05 25.72 15.00
CA THR A 248 0.20 24.33 15.30
C THR A 248 -0.99 23.70 16.00
N ARG A 249 -1.32 22.47 15.64
CA ARG A 249 -2.38 21.74 16.32
C ARG A 249 -1.80 20.40 16.73
N VAL A 250 -2.02 20.03 17.99
CA VAL A 250 -1.57 18.75 18.51
C VAL A 250 -2.77 17.84 18.64
N LYS A 251 -2.74 16.72 17.93
CA LYS A 251 -3.85 15.79 17.90
C LYS A 251 -3.43 14.47 18.54
N VAL A 252 -4.26 13.95 19.44
CA VAL A 252 -3.99 12.69 20.12
C VAL A 252 -4.80 11.56 19.48
N ILE A 253 -4.11 10.50 19.07
CA ILE A 253 -4.74 9.35 18.41
C ILE A 253 -4.62 8.08 19.27
N GLU A 254 -5.75 7.67 19.84
CA GLU A 254 -5.86 6.42 20.59
C GLU A 254 -6.25 5.25 19.67
N ASN A 255 -5.26 4.42 19.35
CA ASN A 255 -5.46 3.22 18.53
C ASN A 255 -5.94 2.03 19.38
N MET A 256 -5.94 0.84 18.78
CA MET A 256 -6.43 -0.39 19.43
C MET A 256 -5.74 -0.70 20.77
N TYR A 257 -4.74 0.12 21.13
CA TYR A 257 -4.02 0.00 22.41
C TYR A 257 -4.01 1.32 23.18
N GLY A 258 -2.82 1.88 23.42
CA GLY A 258 -2.69 3.17 24.10
C GLY A 258 -3.00 4.33 23.17
N SER A 259 -2.16 5.37 23.21
CA SER A 259 -2.34 6.54 22.34
C SER A 259 -1.05 6.97 21.66
N ARG A 260 -1.17 7.96 20.78
CA ARG A 260 -0.07 8.48 19.96
C ARG A 260 -0.36 9.94 19.64
N GLU A 261 0.69 10.72 19.39
CA GLU A 261 0.54 12.15 19.10
C GLU A 261 0.92 12.51 17.66
N ILE A 262 0.09 13.30 17.01
CA ILE A 262 0.37 13.83 15.67
C ILE A 262 0.38 15.35 15.73
N ILE A 263 1.38 15.97 15.10
CA ILE A 263 1.45 17.42 15.06
C ILE A 263 1.14 17.91 13.66
N THR A 264 0.15 18.80 13.56
CA THR A 264 -0.21 19.47 12.31
C THR A 264 0.56 20.78 12.25
N LEU A 265 1.40 20.93 11.23
CA LEU A 265 2.17 22.16 11.01
C LEU A 265 1.51 22.97 9.91
N PHE A 266 0.89 24.09 10.28
CA PHE A 266 0.16 24.89 9.31
C PHE A 266 1.07 25.48 8.25
N GLY A 267 0.70 25.30 6.99
CA GLY A 267 1.48 25.78 5.85
C GLY A 267 2.50 24.77 5.36
N ILE A 268 2.37 23.52 5.78
CA ILE A 268 3.25 22.43 5.35
C ILE A 268 2.43 21.18 5.01
N SER A 269 2.80 20.49 3.95
CA SER A 269 2.11 19.25 3.57
C SER A 269 2.95 18.02 3.86
N VAL A 270 2.60 17.34 4.95
CA VAL A 270 3.32 16.17 5.41
C VAL A 270 2.74 14.96 4.70
N LEU A 271 3.58 14.28 3.92
CA LEU A 271 3.21 13.05 3.28
C LEU A 271 4.19 11.98 3.70
N ASP A 272 3.94 11.36 4.84
CA ASP A 272 4.79 10.29 5.35
C ASP A 272 4.91 9.17 4.32
N TYR A 273 6.14 8.83 3.92
CA TYR A 273 6.32 7.88 2.82
C TYR A 273 5.75 6.50 3.11
N ILE A 274 5.79 6.08 4.37
CA ILE A 274 5.18 4.81 4.76
C ILE A 274 3.69 4.75 4.35
N ASP A 275 2.97 5.87 4.48
CA ASP A 275 1.56 5.90 4.14
C ASP A 275 1.37 6.04 2.64
N LEU A 276 2.29 6.77 2.04
CA LEU A 276 2.31 6.96 0.60
C LEU A 276 2.50 5.61 -0.06
N TYR A 277 3.41 4.80 0.49
CA TYR A 277 3.66 3.48 -0.01
C TYR A 277 2.47 2.56 0.18
N LYS A 278 1.92 2.55 1.39
CA LYS A 278 0.75 1.71 1.69
C LYS A 278 -0.37 2.00 0.71
N LYS A 279 -0.60 3.28 0.43
CA LYS A 279 -1.70 3.68 -0.45
C LYS A 279 -1.44 3.35 -1.92
N PHE A 280 -0.26 3.68 -2.42
CA PHE A 280 -0.04 3.60 -3.87
C PHE A 280 0.70 2.38 -4.42
N SER A 281 1.28 1.58 -3.53
CA SER A 281 2.07 0.43 -4.00
C SER A 281 1.22 -0.69 -4.60
N PHE A 282 -0.04 -0.80 -4.15
CA PHE A 282 -0.96 -1.87 -4.57
C PHE A 282 -0.35 -3.26 -4.40
N THR A 283 0.41 -3.42 -3.34
CA THR A 283 1.09 -4.67 -3.01
C THR A 283 0.97 -4.87 -1.51
N ASN A 284 0.38 -5.98 -1.09
CA ASN A 284 0.30 -6.33 0.34
C ASN A 284 1.66 -6.74 0.85
N GLN A 285 1.97 -6.40 2.09
CA GLN A 285 3.32 -6.61 2.61
C GLN A 285 3.32 -7.06 4.07
N PRO A 286 4.13 -8.09 4.40
CA PRO A 286 4.25 -8.59 5.78
C PRO A 286 4.87 -7.60 6.78
N SER A 287 5.66 -6.66 6.29
CA SER A 287 6.27 -5.66 7.14
C SER A 287 6.31 -4.35 6.38
N TYR A 288 6.31 -3.23 7.11
CA TYR A 288 6.50 -1.93 6.49
C TYR A 288 7.68 -1.14 7.07
N SER A 289 8.65 -1.88 7.59
CA SER A 289 9.91 -1.28 8.02
C SER A 289 10.67 -0.87 6.78
N LEU A 290 11.27 0.32 6.82
CA LEU A 290 12.00 0.86 5.68
C LEU A 290 13.02 -0.14 5.19
N ASP A 291 13.63 -0.84 6.14
CA ASP A 291 14.57 -1.89 5.84
C ASP A 291 13.97 -2.96 4.94
N TYR A 292 12.76 -3.42 5.25
CA TYR A 292 12.12 -4.46 4.46
C TYR A 292 11.74 -3.95 3.07
N ILE A 293 11.15 -2.76 3.02
CA ILE A 293 10.68 -2.23 1.75
C ILE A 293 11.84 -1.87 0.80
N SER A 294 12.93 -1.30 1.31
CA SER A 294 14.14 -1.08 0.51
C SER A 294 14.53 -2.38 -0.09
N GLU A 295 14.71 -3.37 0.78
CA GLU A 295 15.07 -4.72 0.39
C GLU A 295 14.15 -5.24 -0.73
N PHE A 296 12.84 -5.05 -0.58
CA PHE A 296 11.86 -5.42 -1.59
C PHE A 296 12.00 -4.60 -2.87
N GLU A 297 12.15 -3.29 -2.72
CA GLU A 297 12.12 -2.35 -3.85
C GLU A 297 13.44 -2.24 -4.61
N LEU A 298 14.55 -2.36 -3.89
CA LEU A 298 15.88 -2.08 -4.46
C LEU A 298 16.85 -3.25 -4.32
N ASN A 299 16.35 -4.40 -3.87
CA ASN A 299 17.17 -5.61 -3.66
C ASN A 299 18.42 -5.37 -2.82
N VAL A 300 18.30 -4.49 -1.82
CA VAL A 300 19.34 -4.29 -0.83
C VAL A 300 18.74 -3.99 0.57
N GLY A 301 18.83 -2.75 1.07
CA GLY A 301 18.26 -2.41 2.39
C GLY A 301 19.00 -1.35 3.20
N LYS A 302 18.60 -1.22 4.45
CA LYS A 302 19.25 -0.29 5.38
C LYS A 302 20.62 -0.79 5.82
N LEU A 303 21.44 0.13 6.30
CA LEU A 303 22.77 -0.19 6.79
C LEU A 303 22.67 -1.24 7.91
N LYS A 304 23.72 -2.05 8.07
CA LYS A 304 23.74 -3.09 9.08
C LYS A 304 24.73 -2.71 10.19
N TYR A 305 24.48 -3.16 11.41
CA TYR A 305 25.28 -2.75 12.57
C TYR A 305 25.24 -3.75 13.73
N ASP A 306 26.31 -3.77 14.51
CA ASP A 306 26.39 -4.64 15.68
C ASP A 306 25.66 -4.03 16.86
N GLY A 307 24.81 -4.83 17.47
CA GLY A 307 24.13 -4.47 18.71
C GLY A 307 22.84 -3.71 18.52
N PRO A 308 22.22 -3.29 19.63
CA PRO A 308 20.96 -2.53 19.59
C PRO A 308 21.18 -1.14 18.98
N ILE A 309 20.15 -0.62 18.32
CA ILE A 309 20.22 0.75 17.83
C ILE A 309 20.50 1.76 18.96
N SER A 310 20.11 1.41 20.18
CA SER A 310 20.29 2.29 21.33
C SER A 310 21.73 2.35 21.83
N LYS A 311 22.58 1.49 21.26
CA LYS A 311 23.97 1.43 21.65
C LYS A 311 24.90 1.81 20.50
N LEU A 312 24.30 2.07 19.34
CA LEU A 312 25.06 2.33 18.11
C LEU A 312 25.90 3.59 18.18
N ARG A 313 25.33 4.67 18.70
CA ARG A 313 26.08 5.91 18.85
C ARG A 313 27.36 5.72 19.69
N GLU A 314 27.23 5.09 20.85
CA GLU A 314 28.38 4.95 21.73
C GLU A 314 29.40 3.98 21.18
N SER A 315 28.94 2.93 20.49
CA SER A 315 29.81 1.84 20.04
C SER A 315 30.39 2.06 18.64
N ASN A 316 29.75 2.91 17.85
CA ASN A 316 30.07 3.03 16.42
C ASN A 316 29.41 4.28 15.82
N HIS A 317 29.74 5.45 16.37
CA HIS A 317 29.19 6.71 15.92
C HIS A 317 29.36 6.87 14.42
N GLN A 318 30.50 6.39 13.91
CA GLN A 318 30.79 6.48 12.47
C GLN A 318 29.64 5.84 11.69
N ARG A 319 29.31 4.61 12.03
CA ARG A 319 28.20 3.90 11.40
C ARG A 319 26.85 4.56 11.72
N TYR A 320 26.68 4.96 12.97
CA TYR A 320 25.48 5.65 13.40
C TYR A 320 25.06 6.76 12.42
N ILE A 321 25.97 7.69 12.14
CA ILE A 321 25.68 8.82 11.27
C ILE A 321 25.48 8.39 9.82
N SER A 322 26.35 7.50 9.32
CA SER A 322 26.20 6.96 7.96
C SER A 322 24.87 6.26 7.76
N TYR A 323 24.46 5.49 8.78
CA TYR A 323 23.20 4.78 8.79
C TYR A 323 22.03 5.74 8.70
N ASN A 324 22.10 6.85 9.42
CA ASN A 324 21.08 7.87 9.37
C ASN A 324 20.97 8.45 7.96
N ILE A 325 22.12 8.83 7.39
CA ILE A 325 22.15 9.36 6.03
C ILE A 325 21.53 8.38 5.05
N ILE A 326 21.98 7.13 5.11
CA ILE A 326 21.53 6.10 4.19
C ILE A 326 20.01 5.92 4.25
N ASP A 327 19.45 6.01 5.45
CA ASP A 327 18.02 5.87 5.66
C ASP A 327 17.25 6.88 4.83
N VAL A 328 17.65 8.13 4.94
CA VAL A 328 17.07 9.20 4.17
C VAL A 328 17.21 8.89 2.68
N TYR A 329 18.39 8.39 2.29
CA TYR A 329 18.66 8.07 0.89
C TYR A 329 17.75 6.95 0.34
N ARG A 330 17.56 5.90 1.13
CA ARG A 330 16.70 4.78 0.74
C ARG A 330 15.31 5.26 0.28
N VAL A 331 14.76 6.19 1.03
CA VAL A 331 13.45 6.72 0.71
C VAL A 331 13.50 7.40 -0.67
N LEU A 332 14.53 8.21 -0.88
CA LEU A 332 14.76 8.88 -2.15
C LEU A 332 14.85 7.89 -3.32
N GLN A 333 15.48 6.74 -3.08
CA GLN A 333 15.65 5.73 -4.11
C GLN A 333 14.36 5.00 -4.42
N ILE A 334 13.54 4.80 -3.39
CA ILE A 334 12.24 4.17 -3.58
C ILE A 334 11.40 5.12 -4.40
N ASP A 335 11.44 6.39 -4.02
CA ASP A 335 10.72 7.43 -4.72
C ASP A 335 11.21 7.60 -6.14
N ALA A 336 12.50 7.37 -6.35
CA ALA A 336 13.07 7.42 -7.69
C ALA A 336 12.35 6.43 -8.59
N LYS A 337 12.10 5.22 -8.09
CA LYS A 337 11.42 4.25 -8.93
C LYS A 337 9.90 4.28 -8.83
N ARG A 338 9.35 4.48 -7.62
CA ARG A 338 7.89 4.41 -7.40
C ARG A 338 7.16 5.71 -7.69
N GLN A 339 7.83 6.84 -7.50
CA GLN A 339 7.31 8.16 -7.91
C GLN A 339 6.03 8.60 -7.19
N PHE A 340 5.94 8.31 -5.90
CA PHE A 340 4.71 8.60 -5.16
C PHE A 340 4.55 10.08 -4.80
N ILE A 341 5.64 10.80 -4.68
CA ILE A 341 5.58 12.25 -4.47
C ILE A 341 4.96 12.94 -5.67
N ASN A 342 5.51 12.69 -6.85
CA ASN A 342 4.97 13.26 -8.08
C ASN A 342 3.51 12.85 -8.34
N LEU A 343 3.18 11.62 -7.98
CA LEU A 343 1.81 11.15 -8.08
C LEU A 343 0.89 11.98 -7.18
N SER A 344 1.27 12.13 -5.92
CA SER A 344 0.56 13.02 -4.99
C SER A 344 0.39 14.43 -5.55
N LEU A 345 1.46 14.94 -6.18
CA LEU A 345 1.43 16.29 -6.75
C LEU A 345 0.51 16.40 -7.95
N ASP A 346 0.57 15.41 -8.84
CA ASP A 346 -0.40 15.31 -9.90
C ASP A 346 -1.81 15.32 -9.35
N MET A 347 -2.11 14.32 -8.53
CA MET A 347 -3.47 14.17 -7.99
C MET A 347 -3.95 15.45 -7.30
N GLY A 348 -3.10 15.98 -6.40
CA GLY A 348 -3.41 17.19 -5.65
C GLY A 348 -3.80 18.34 -6.55
N TYR A 349 -3.00 18.57 -7.57
CA TYR A 349 -3.25 19.63 -8.54
C TYR A 349 -4.41 19.32 -9.51
N TYR A 350 -4.62 18.04 -9.78
CA TYR A 350 -5.75 17.56 -10.59
C TYR A 350 -7.07 17.84 -9.89
N ALA A 351 -7.13 17.60 -8.58
CA ALA A 351 -8.34 17.76 -7.78
C ALA A 351 -8.50 19.19 -7.27
N LYS A 352 -7.38 19.85 -7.01
CA LYS A 352 -7.31 21.19 -6.39
C LYS A 352 -7.57 21.08 -4.89
N ILE A 353 -6.74 20.30 -4.23
CA ILE A 353 -6.81 20.06 -2.81
C ILE A 353 -5.45 20.37 -2.15
N GLN A 354 -5.43 20.50 -0.82
CA GLN A 354 -4.16 20.42 -0.09
C GLN A 354 -3.47 19.10 -0.48
N ILE A 355 -2.15 19.07 -0.59
CA ILE A 355 -1.54 17.87 -1.18
C ILE A 355 -1.77 16.64 -0.31
N GLN A 356 -1.74 16.83 1.01
CA GLN A 356 -1.93 15.74 1.98
C GLN A 356 -3.32 15.14 1.94
N SER A 357 -4.24 15.82 1.27
CA SER A 357 -5.60 15.31 1.07
C SER A 357 -5.70 14.09 0.14
N VAL A 358 -4.64 13.83 -0.64
CA VAL A 358 -4.59 12.60 -1.46
C VAL A 358 -4.73 11.33 -0.61
N PHE A 359 -4.48 11.44 0.69
CA PHE A 359 -4.69 10.31 1.56
C PHE A 359 -6.18 10.05 1.82
N SER A 360 -7.03 11.00 1.41
CA SER A 360 -8.46 10.90 1.67
C SER A 360 -9.28 10.92 0.37
N PRO A 361 -9.70 9.73 -0.09
CA PRO A 361 -10.58 9.62 -1.26
C PRO A 361 -11.79 10.55 -1.18
N ILE A 362 -12.46 10.60 -0.02
CA ILE A 362 -13.66 11.42 0.08
C ILE A 362 -13.35 12.88 -0.08
N LYS A 363 -12.17 13.32 0.38
CA LYS A 363 -11.79 14.73 0.23
C LYS A 363 -11.48 15.04 -1.22
N THR A 364 -10.64 14.20 -1.83
CA THR A 364 -10.23 14.35 -3.22
C THR A 364 -11.47 14.40 -4.11
N TRP A 365 -12.30 13.36 -4.02
CA TRP A 365 -13.48 13.30 -4.86
C TRP A 365 -14.49 14.39 -4.58
N ASP A 366 -14.68 14.75 -3.31
CA ASP A 366 -15.49 15.92 -2.99
C ASP A 366 -15.04 17.07 -3.87
N ALA A 367 -13.73 17.28 -3.94
CA ALA A 367 -13.17 18.40 -4.68
C ALA A 367 -13.35 18.23 -6.19
N ILE A 368 -12.97 17.07 -6.71
CA ILE A 368 -13.09 16.79 -8.13
C ILE A 368 -14.52 17.01 -8.63
N ILE A 369 -15.48 16.47 -7.89
CA ILE A 369 -16.91 16.59 -8.22
C ILE A 369 -17.40 18.04 -8.08
N PHE A 370 -16.89 18.73 -7.07
CA PHE A 370 -17.25 20.14 -6.85
C PHE A 370 -16.83 21.00 -8.05
N ASN A 371 -15.59 20.86 -8.48
CA ASN A 371 -15.12 21.63 -9.63
C ASN A 371 -15.87 21.29 -10.91
N SER A 372 -16.17 20.01 -11.09
CA SER A 372 -16.82 19.55 -12.30
C SER A 372 -18.22 20.14 -12.41
N LEU A 373 -18.95 20.08 -11.31
CA LEU A 373 -20.28 20.65 -11.22
C LEU A 373 -20.27 22.18 -11.33
N LYS A 374 -19.19 22.80 -10.86
CA LYS A 374 -19.08 24.26 -10.87
C LYS A 374 -19.03 24.82 -12.30
N GLU A 375 -18.31 24.12 -13.19
CA GLU A 375 -18.28 24.51 -14.60
C GLU A 375 -19.64 24.41 -15.27
N GLN A 376 -20.58 23.71 -14.66
CA GLN A 376 -21.94 23.58 -15.22
C GLN A 376 -22.97 24.38 -14.45
N ASN A 377 -22.52 25.25 -13.56
CA ASN A 377 -23.40 26.04 -12.71
C ASN A 377 -24.27 25.20 -11.76
N LYS A 378 -23.92 23.93 -11.62
CA LYS A 378 -24.59 23.05 -10.67
C LYS A 378 -24.04 23.27 -9.26
N VAL A 379 -24.88 23.00 -8.28
CA VAL A 379 -24.58 23.28 -6.86
C VAL A 379 -24.54 21.96 -6.10
N ILE A 380 -23.51 21.77 -5.28
CA ILE A 380 -23.32 20.51 -4.57
C ILE A 380 -24.21 20.46 -3.34
N PRO A 381 -24.65 19.25 -2.97
CA PRO A 381 -25.61 19.08 -1.88
C PRO A 381 -24.95 19.27 -0.52
N GLN A 382 -25.73 19.73 0.46
CA GLN A 382 -25.25 19.77 1.84
C GLN A 382 -24.94 18.35 2.26
N GLY A 383 -23.86 18.15 3.00
CA GLY A 383 -23.54 16.83 3.50
C GLY A 383 -24.31 16.57 4.78
N ARG A 384 -25.16 15.55 4.78
CA ARG A 384 -25.79 15.16 6.04
C ARG A 384 -25.15 13.91 6.62
N SER A 385 -25.16 13.80 7.95
CA SER A 385 -24.60 12.66 8.65
C SER A 385 -25.47 11.40 8.55
N HIS A 386 -24.85 10.23 8.64
CA HIS A 386 -25.52 8.93 8.52
C HIS A 386 -24.92 7.97 9.55
N PRO A 387 -25.75 7.04 10.08
CA PRO A 387 -25.24 5.99 10.97
C PRO A 387 -24.28 5.05 10.26
N VAL A 388 -23.29 4.53 10.99
CA VAL A 388 -22.40 3.54 10.44
C VAL A 388 -23.11 2.20 10.45
N GLN A 389 -23.73 1.85 9.33
CA GLN A 389 -24.46 0.59 9.21
C GLN A 389 -23.66 -0.41 8.37
N PRO A 390 -23.34 -1.57 8.95
CA PRO A 390 -22.62 -2.61 8.20
C PRO A 390 -23.48 -3.15 7.09
N TYR A 391 -22.94 -3.15 5.87
CA TYR A 391 -23.64 -3.67 4.70
C TYR A 391 -22.77 -4.72 4.04
N PRO A 392 -23.35 -5.56 3.15
CA PRO A 392 -22.58 -6.66 2.57
C PRO A 392 -21.26 -6.24 1.94
N GLY A 393 -20.29 -7.13 1.98
CA GLY A 393 -18.99 -6.90 1.38
C GLY A 393 -18.81 -7.76 0.15
N ALA A 394 -17.67 -8.43 0.08
CA ALA A 394 -17.31 -9.21 -1.10
C ALA A 394 -17.68 -10.65 -0.85
N PHE A 395 -17.96 -11.39 -1.92
CA PHE A 395 -18.22 -12.81 -1.78
C PHE A 395 -16.92 -13.57 -1.78
N VAL A 396 -16.75 -14.43 -0.77
CA VAL A 396 -15.61 -15.31 -0.70
C VAL A 396 -16.14 -16.73 -0.58
N LYS A 397 -15.79 -17.59 -1.52
CA LYS A 397 -16.27 -18.97 -1.50
C LYS A 397 -15.56 -19.77 -0.41
N GLU A 398 -16.32 -20.53 0.38
CA GLU A 398 -15.67 -21.47 1.28
C GLU A 398 -15.14 -22.65 0.46
N PRO A 399 -13.81 -22.81 0.38
CA PRO A 399 -13.28 -23.91 -0.42
C PRO A 399 -13.25 -25.22 0.35
N ILE A 400 -13.33 -26.34 -0.37
CA ILE A 400 -13.09 -27.62 0.28
C ILE A 400 -11.58 -27.78 0.44
N PRO A 401 -11.12 -27.88 1.69
CA PRO A 401 -9.69 -28.04 1.93
C PRO A 401 -9.17 -29.29 1.23
N ASN A 402 -8.28 -29.09 0.25
CA ASN A 402 -7.83 -30.17 -0.60
C ASN A 402 -6.65 -29.78 -1.47
N ARG A 403 -6.01 -30.77 -2.08
CA ARG A 403 -5.07 -30.54 -3.17
C ARG A 403 -5.86 -30.32 -4.45
N TYR A 404 -5.34 -29.48 -5.35
CA TYR A 404 -5.94 -29.22 -6.64
C TYR A 404 -4.85 -29.21 -7.70
N LYS A 405 -4.86 -30.23 -8.57
CA LYS A 405 -3.74 -30.50 -9.47
C LYS A 405 -3.53 -29.39 -10.52
N TYR A 406 -4.57 -29.12 -11.31
CA TYR A 406 -4.55 -28.06 -12.32
C TYR A 406 -5.60 -27.01 -12.01
N VAL A 407 -5.14 -25.78 -11.83
CA VAL A 407 -6.01 -24.67 -11.52
C VAL A 407 -5.85 -23.56 -12.55
N MET A 408 -6.97 -23.06 -13.03
CA MET A 408 -7.00 -21.91 -13.94
C MET A 408 -7.88 -20.83 -13.32
N SER A 409 -7.38 -19.60 -13.28
CA SER A 409 -8.11 -18.51 -12.64
C SER A 409 -8.50 -17.39 -13.59
N PHE A 410 -9.63 -16.73 -13.28
CA PHE A 410 -10.15 -15.61 -14.07
C PHE A 410 -10.60 -14.50 -13.13
N ASP A 411 -10.44 -13.24 -13.54
CA ASP A 411 -11.00 -12.15 -12.75
C ASP A 411 -11.63 -11.05 -13.59
N LEU A 412 -12.58 -10.35 -12.96
CA LEU A 412 -13.28 -9.24 -13.57
C LEU A 412 -12.42 -7.98 -13.54
N THR A 413 -12.47 -7.23 -14.64
CA THR A 413 -11.80 -5.94 -14.71
C THR A 413 -12.42 -4.94 -13.74
N SER A 414 -11.59 -4.35 -12.88
CA SER A 414 -12.00 -3.17 -12.13
C SER A 414 -13.47 -3.23 -11.65
N LEU A 415 -13.77 -4.18 -10.76
CA LEU A 415 -15.16 -4.62 -10.58
C LEU A 415 -16.15 -3.55 -10.11
N TYR A 416 -15.87 -2.91 -8.98
CA TYR A 416 -16.86 -2.00 -8.41
C TYR A 416 -17.08 -0.76 -9.29
N PRO A 417 -15.97 -0.16 -9.78
CA PRO A 417 -16.14 0.92 -10.75
C PRO A 417 -16.94 0.47 -11.97
N SER A 418 -16.72 -0.76 -12.43
CA SER A 418 -17.46 -1.27 -13.57
C SER A 418 -18.95 -1.41 -13.25
N ILE A 419 -19.24 -1.86 -12.03
CA ILE A 419 -20.62 -1.95 -11.57
C ILE A 419 -21.31 -0.57 -11.56
N ILE A 420 -20.62 0.44 -11.04
CA ILE A 420 -21.18 1.79 -10.94
C ILE A 420 -21.58 2.28 -12.33
N ARG A 421 -20.70 2.06 -13.30
CA ARG A 421 -20.99 2.45 -14.67
C ARG A 421 -22.11 1.63 -15.29
N GLN A 422 -22.05 0.31 -15.12
CA GLN A 422 -23.03 -0.61 -15.70
C GLN A 422 -24.44 -0.40 -15.18
N VAL A 423 -24.59 -0.22 -13.88
CA VAL A 423 -25.91 -0.11 -13.29
C VAL A 423 -26.42 1.31 -13.41
N ASN A 424 -25.48 2.25 -13.46
CA ASN A 424 -25.73 3.71 -13.44
C ASN A 424 -26.09 4.24 -12.04
N ILE A 425 -25.27 3.84 -11.06
CA ILE A 425 -25.50 4.16 -9.64
C ILE A 425 -25.00 5.55 -9.25
N SER A 426 -25.92 6.43 -8.88
CA SER A 426 -25.59 7.78 -8.46
C SER A 426 -26.70 8.26 -7.52
N PRO A 427 -26.38 9.21 -6.60
CA PRO A 427 -27.39 9.71 -5.66
C PRO A 427 -28.66 10.24 -6.31
N GLU A 428 -28.57 10.64 -7.58
CA GLU A 428 -29.67 11.29 -8.26
C GLU A 428 -30.21 10.48 -9.44
N THR A 429 -29.63 9.31 -9.68
CA THR A 429 -30.17 8.44 -10.73
C THR A 429 -31.13 7.39 -10.17
N ILE A 430 -31.29 7.39 -8.84
CA ILE A 430 -32.23 6.50 -8.19
C ILE A 430 -33.61 6.67 -8.79
N ALA A 431 -34.24 5.56 -9.18
CA ALA A 431 -35.52 5.61 -9.87
C ALA A 431 -36.62 4.86 -9.12
N GLY A 432 -36.28 4.28 -7.98
CA GLY A 432 -37.24 3.54 -7.18
C GLY A 432 -36.71 2.19 -6.71
N THR A 433 -37.63 1.36 -6.19
CA THR A 433 -37.28 0.04 -5.68
C THR A 433 -38.19 -1.04 -6.28
N PHE A 434 -37.87 -2.30 -6.02
CA PHE A 434 -38.73 -3.43 -6.37
C PHE A 434 -38.77 -4.45 -5.23
N LYS A 435 -39.83 -5.25 -5.18
CA LYS A 435 -39.95 -6.29 -4.15
C LYS A 435 -38.83 -7.32 -4.37
N VAL A 436 -38.05 -7.55 -3.32
CA VAL A 436 -36.77 -8.25 -3.47
C VAL A 436 -36.81 -9.71 -3.01
N ALA A 437 -36.28 -10.61 -3.84
CA ALA A 437 -36.12 -12.02 -3.48
C ALA A 437 -34.75 -12.30 -2.85
N PRO A 438 -34.59 -13.45 -2.14
CA PRO A 438 -33.26 -13.84 -1.65
C PRO A 438 -32.18 -13.80 -2.73
N LEU A 439 -30.98 -13.34 -2.36
CA LEU A 439 -29.88 -13.24 -3.32
C LEU A 439 -29.68 -14.50 -4.14
N HIS A 440 -29.76 -15.65 -3.49
CA HIS A 440 -29.55 -16.91 -4.23
C HIS A 440 -30.56 -17.11 -5.37
N ASP A 441 -31.71 -16.46 -5.27
CA ASP A 441 -32.71 -16.59 -6.32
C ASP A 441 -32.33 -15.86 -7.60
N TYR A 442 -31.56 -14.78 -7.47
CA TYR A 442 -31.09 -14.03 -8.62
C TYR A 442 -29.88 -14.71 -9.22
N ILE A 443 -29.03 -15.23 -8.34
CA ILE A 443 -27.88 -16.03 -8.77
C ILE A 443 -28.35 -17.20 -9.65
N ASN A 444 -29.51 -17.76 -9.29
CA ASN A 444 -30.06 -18.88 -10.04
C ASN A 444 -31.03 -18.52 -11.16
N ALA A 445 -31.21 -17.23 -11.42
CA ALA A 445 -32.14 -16.74 -12.45
C ALA A 445 -33.56 -17.29 -12.26
N VAL A 446 -33.96 -17.43 -11.01
CA VAL A 446 -35.22 -18.06 -10.66
C VAL A 446 -36.23 -17.00 -10.24
N ALA A 447 -35.74 -15.96 -9.56
CA ALA A 447 -36.55 -14.79 -9.22
C ALA A 447 -37.08 -14.11 -10.49
N GLU A 448 -38.18 -13.37 -10.38
CA GLU A 448 -38.65 -12.68 -11.57
C GLU A 448 -37.85 -11.43 -11.89
N ARG A 449 -37.80 -11.10 -13.18
CA ARG A 449 -37.08 -9.95 -13.69
C ARG A 449 -37.56 -8.68 -12.98
N PRO A 450 -36.64 -8.00 -12.27
CA PRO A 450 -36.97 -6.86 -11.44
C PRO A 450 -37.75 -5.77 -12.18
N SER A 451 -37.25 -5.34 -13.33
CA SER A 451 -37.85 -4.24 -14.08
C SER A 451 -37.57 -4.32 -15.56
N ASP A 452 -38.55 -3.89 -16.33
CA ASP A 452 -38.43 -3.86 -17.76
C ASP A 452 -38.00 -2.48 -18.24
N VAL A 453 -38.05 -1.47 -17.36
CA VAL A 453 -37.72 -0.11 -17.79
C VAL A 453 -36.48 0.48 -17.12
N TYR A 454 -36.07 -0.10 -15.98
CA TYR A 454 -34.95 0.46 -15.22
C TYR A 454 -33.80 -0.51 -15.06
N SER A 455 -32.62 0.05 -14.84
CA SER A 455 -31.40 -0.69 -14.51
C SER A 455 -31.41 -1.04 -13.03
N CYS A 456 -31.17 -2.32 -12.72
CA CYS A 456 -31.38 -2.86 -11.38
C CYS A 456 -30.19 -3.53 -10.72
N SER A 457 -30.17 -3.47 -9.39
CA SER A 457 -29.23 -4.20 -8.56
C SER A 457 -30.01 -5.19 -7.69
N PRO A 458 -29.47 -6.40 -7.48
CA PRO A 458 -30.15 -7.46 -6.74
C PRO A 458 -30.56 -7.10 -5.31
N ASN A 459 -30.13 -5.94 -4.81
CA ASN A 459 -30.53 -5.46 -3.47
C ASN A 459 -31.90 -4.78 -3.41
N GLY A 460 -32.52 -4.59 -4.57
CA GLY A 460 -33.87 -4.03 -4.67
C GLY A 460 -33.91 -2.63 -5.27
N MET A 461 -32.78 -2.14 -5.76
CA MET A 461 -32.69 -0.76 -6.25
C MET A 461 -32.84 -0.64 -7.77
N MET A 462 -33.53 0.42 -8.20
CA MET A 462 -33.70 0.72 -9.62
C MET A 462 -33.11 2.08 -9.99
N TYR A 463 -32.51 2.15 -11.18
CA TYR A 463 -31.92 3.39 -11.67
C TYR A 463 -32.34 3.73 -13.10
N TYR A 464 -32.42 5.02 -13.39
CA TYR A 464 -32.62 5.48 -14.74
C TYR A 464 -31.50 5.02 -15.65
N LYS A 465 -31.85 4.58 -16.86
CA LYS A 465 -30.85 4.22 -17.86
C LYS A 465 -30.51 5.39 -18.79
N ASP A 466 -31.48 6.29 -18.99
CA ASP A 466 -31.31 7.45 -19.89
C ASP A 466 -30.51 8.60 -19.27
N ARG A 467 -30.81 8.94 -18.01
CA ARG A 467 -30.14 10.03 -17.28
C ARG A 467 -28.69 9.74 -16.92
N ASP A 468 -27.91 10.79 -16.74
CA ASP A 468 -26.45 10.71 -16.67
C ASP A 468 -25.80 10.28 -15.35
N GLY A 469 -26.11 10.99 -14.27
CA GLY A 469 -25.48 10.69 -12.98
C GLY A 469 -24.04 11.18 -12.79
N VAL A 470 -23.83 11.90 -11.70
CA VAL A 470 -22.54 12.49 -11.36
C VAL A 470 -21.47 11.44 -11.15
N VAL A 471 -21.77 10.46 -10.30
CA VAL A 471 -20.80 9.40 -10.01
C VAL A 471 -20.39 8.66 -11.30
N PRO A 472 -21.35 8.00 -12.01
CA PRO A 472 -20.96 7.27 -13.22
C PRO A 472 -20.26 8.14 -14.27
N THR A 473 -20.67 9.39 -14.40
CA THR A 473 -20.02 10.32 -15.33
C THR A 473 -18.57 10.57 -14.94
N GLU A 474 -18.37 10.97 -13.69
CA GLU A 474 -17.04 11.38 -13.22
C GLU A 474 -16.04 10.24 -13.30
N ILE A 475 -16.55 9.03 -13.03
CA ILE A 475 -15.74 7.83 -13.06
C ILE A 475 -15.31 7.45 -14.49
N THR A 476 -16.24 7.54 -15.42
CA THR A 476 -15.98 7.21 -16.81
C THR A 476 -14.96 8.19 -17.40
N LYS A 477 -14.96 9.42 -16.89
CA LYS A 477 -13.96 10.41 -17.29
C LYS A 477 -12.57 9.90 -16.94
N VAL A 478 -12.42 9.43 -15.70
CA VAL A 478 -11.13 8.99 -15.21
C VAL A 478 -10.75 7.69 -15.89
N PHE A 479 -11.76 6.87 -16.17
CA PHE A 479 -11.54 5.64 -16.88
C PHE A 479 -10.86 5.91 -18.24
N ASN A 480 -11.38 6.86 -18.99
CA ASN A 480 -10.83 7.19 -20.30
C ASN A 480 -9.44 7.78 -20.20
N GLN A 481 -9.25 8.69 -19.25
CA GLN A 481 -7.94 9.28 -19.04
C GLN A 481 -6.92 8.20 -18.75
N ARG A 482 -7.31 7.20 -17.96
CA ARG A 482 -6.42 6.08 -17.68
C ARG A 482 -6.03 5.37 -18.99
N LYS A 483 -7.02 5.04 -19.81
CA LYS A 483 -6.76 4.39 -21.10
C LYS A 483 -5.81 5.21 -21.96
N GLU A 484 -6.02 6.53 -21.92
CA GLU A 484 -5.24 7.49 -22.70
C GLU A 484 -3.77 7.56 -22.27
N HIS A 485 -3.53 7.73 -20.98
CA HIS A 485 -2.17 7.81 -20.43
C HIS A 485 -1.46 6.46 -20.48
N LYS A 486 -2.19 5.38 -20.26
CA LYS A 486 -1.70 4.03 -20.56
C LYS A 486 -1.14 3.94 -21.99
N GLY A 487 -1.90 4.48 -22.94
CA GLY A 487 -1.49 4.52 -24.35
C GLY A 487 -0.17 5.26 -24.56
N TYR A 488 -0.03 6.40 -23.91
CA TYR A 488 1.19 7.21 -23.99
C TYR A 488 2.37 6.42 -23.47
N MET A 489 2.19 5.80 -22.32
CA MET A 489 3.23 5.03 -21.66
C MET A 489 3.72 3.88 -22.55
N LEU A 490 2.79 3.26 -23.27
CA LEU A 490 3.13 2.15 -24.16
C LEU A 490 3.87 2.63 -25.40
N ALA A 491 3.43 3.75 -25.96
CA ALA A 491 4.11 4.34 -27.13
C ALA A 491 5.52 4.80 -26.76
N ALA A 492 5.69 5.31 -25.53
CA ALA A 492 6.99 5.75 -25.01
C ALA A 492 7.90 4.57 -24.71
N GLN A 493 7.30 3.40 -24.54
CA GLN A 493 8.04 2.16 -24.37
C GLN A 493 8.58 1.68 -25.72
N ARG A 494 7.68 1.64 -26.70
CA ARG A 494 8.00 1.20 -28.07
C ARG A 494 8.99 2.12 -28.77
N ASN A 495 8.82 3.43 -28.57
CA ASN A 495 9.77 4.42 -29.06
C ASN A 495 11.15 4.29 -28.44
N GLY A 496 11.18 3.98 -27.15
CA GLY A 496 12.44 3.76 -26.43
C GLY A 496 13.21 2.57 -26.99
N GLU A 497 12.48 1.55 -27.44
CA GLU A 497 13.09 0.37 -28.05
C GLU A 497 13.72 0.68 -29.40
N ILE A 498 13.00 1.46 -30.22
CA ILE A 498 13.52 1.94 -31.49
C ILE A 498 14.86 2.66 -31.30
N ILE A 499 14.92 3.52 -30.28
CA ILE A 499 16.15 4.26 -29.98
C ILE A 499 17.26 3.31 -29.46
N LYS A 500 16.88 2.29 -28.70
CA LYS A 500 17.84 1.28 -28.26
C LYS A 500 18.38 0.44 -29.42
N GLU A 501 17.57 0.30 -30.47
CA GLU A 501 17.97 -0.34 -31.74
C GLU A 501 19.10 0.43 -32.41
N ALA A 502 18.86 1.71 -32.67
CA ALA A 502 19.86 2.58 -33.29
C ALA A 502 21.14 2.78 -32.48
N LEU A 503 21.06 2.59 -31.16
CA LEU A 503 22.23 2.77 -30.29
C LEU A 503 23.32 1.71 -30.49
N HIS A 504 22.91 0.47 -30.81
CA HIS A 504 23.86 -0.55 -31.24
C HIS A 504 24.42 -0.12 -32.60
N ASN A 505 25.65 0.40 -32.58
CA ASN A 505 26.28 1.02 -33.75
C ASN A 505 25.52 2.23 -34.35
N PRO A 506 25.70 3.43 -33.76
CA PRO A 506 25.19 4.66 -34.34
C PRO A 506 26.23 5.40 -35.19
N ASN A 507 25.79 6.44 -35.88
CA ASN A 507 26.67 7.31 -36.66
C ASN A 507 27.65 8.13 -35.83
N LEU A 508 28.73 8.56 -36.49
CA LEU A 508 29.68 9.47 -35.86
C LEU A 508 29.49 10.88 -36.41
N SER A 509 28.28 11.41 -36.25
CA SER A 509 27.93 12.75 -36.71
C SER A 509 27.97 13.74 -35.54
N VAL A 510 27.93 15.03 -35.88
CA VAL A 510 27.62 16.06 -34.89
C VAL A 510 26.21 16.62 -35.19
N ASP A 511 25.21 16.07 -34.50
CA ASP A 511 23.82 16.47 -34.70
C ASP A 511 23.09 16.59 -33.37
N GLU A 512 21.84 17.02 -33.43
CA GLU A 512 21.02 17.22 -32.24
C GLU A 512 19.96 16.11 -32.10
N PRO A 513 19.47 15.87 -30.86
CA PRO A 513 18.32 14.99 -30.66
C PRO A 513 17.03 15.58 -31.22
N LEU A 514 16.30 14.77 -31.98
CA LEU A 514 15.07 15.18 -32.64
C LEU A 514 14.02 15.71 -31.65
N ASP A 515 13.31 16.76 -32.07
CA ASP A 515 12.21 17.28 -31.29
C ASP A 515 10.92 16.53 -31.66
N VAL A 516 10.60 15.49 -30.88
CA VAL A 516 9.43 14.64 -31.14
C VAL A 516 8.58 14.46 -29.88
N ASP A 517 7.30 14.13 -30.07
CA ASP A 517 6.43 13.75 -28.97
C ASP A 517 6.60 12.25 -28.75
N TYR A 518 7.04 11.87 -27.55
CA TYR A 518 7.35 10.47 -27.27
C TYR A 518 6.11 9.67 -26.91
N ARG A 519 5.02 10.38 -26.61
CA ARG A 519 3.74 9.74 -26.26
C ARG A 519 3.05 9.09 -27.46
N PHE A 520 3.64 9.23 -28.64
CA PHE A 520 3.05 8.68 -29.86
C PHE A 520 4.08 7.91 -30.64
N ASP A 521 3.67 6.77 -31.19
CA ASP A 521 4.56 5.94 -32.01
C ASP A 521 5.20 6.75 -33.12
N PHE A 522 6.52 6.67 -33.22
CA PHE A 522 7.27 7.41 -34.23
C PHE A 522 6.77 7.14 -35.64
N SER A 523 6.67 8.18 -36.45
CA SER A 523 6.34 8.02 -37.87
C SER A 523 7.55 7.43 -38.60
N ASP A 524 7.31 6.83 -39.76
CA ASP A 524 8.37 6.17 -40.54
C ASP A 524 9.54 7.08 -40.89
N GLU A 525 9.26 8.36 -41.14
CA GLU A 525 10.29 9.35 -41.47
C GLU A 525 11.17 9.71 -40.27
N ILE A 526 10.57 9.70 -39.09
CA ILE A 526 11.32 9.88 -37.84
C ILE A 526 12.21 8.66 -37.58
N LYS A 527 11.65 7.46 -37.81
CA LYS A 527 12.40 6.21 -37.65
C LYS A 527 13.65 6.18 -38.52
N GLU A 528 13.57 6.82 -39.68
CA GLU A 528 14.70 6.90 -40.61
C GLU A 528 15.76 7.89 -40.16
N LYS A 529 15.33 9.09 -39.76
CA LYS A 529 16.22 10.11 -39.22
C LYS A 529 17.00 9.61 -38.00
N ILE A 530 16.40 8.69 -37.25
CA ILE A 530 16.98 8.15 -36.02
C ILE A 530 18.20 7.26 -36.29
N LYS A 531 18.12 6.45 -37.35
CA LYS A 531 19.23 5.57 -37.76
C LYS A 531 20.53 6.34 -37.97
N LYS A 532 20.47 7.45 -38.72
CA LYS A 532 21.66 8.25 -38.98
C LYS A 532 21.87 9.38 -37.96
N LEU A 533 21.92 8.99 -36.69
CA LEU A 533 22.02 9.95 -35.58
C LEU A 533 23.13 9.53 -34.64
N SER A 534 23.79 10.52 -34.02
CA SER A 534 24.90 10.27 -33.10
C SER A 534 24.50 9.61 -31.77
N ALA A 535 25.49 9.01 -31.10
CA ALA A 535 25.28 8.39 -29.77
C ALA A 535 24.90 9.41 -28.70
N LYS A 536 25.53 10.59 -28.76
CA LYS A 536 25.20 11.73 -27.90
C LYS A 536 23.70 12.04 -27.94
N SER A 537 23.17 12.14 -29.16
CA SER A 537 21.79 12.56 -29.41
C SER A 537 20.77 11.47 -29.10
N LEU A 538 21.12 10.23 -29.46
CA LEU A 538 20.27 9.07 -29.21
C LEU A 538 20.12 8.82 -27.72
N ASN A 539 21.21 8.98 -26.98
CA ASN A 539 21.17 8.88 -25.53
C ASN A 539 20.30 9.93 -24.88
N GLU A 540 20.29 11.13 -25.45
CA GLU A 540 19.41 12.18 -24.98
C GLU A 540 17.94 11.84 -25.33
N MET A 541 17.72 11.23 -26.49
CA MET A 541 16.39 10.80 -26.88
C MET A 541 15.88 9.63 -26.04
N LEU A 542 16.76 8.69 -25.69
CA LEU A 542 16.37 7.56 -24.85
C LEU A 542 15.96 8.03 -23.45
N PHE A 543 16.73 8.97 -22.91
CA PHE A 543 16.40 9.60 -21.63
C PHE A 543 15.02 10.25 -21.73
N ARG A 544 14.80 11.01 -22.79
CA ARG A 544 13.52 11.69 -23.02
C ARG A 544 12.33 10.73 -23.11
N ALA A 545 12.49 9.66 -23.90
CA ALA A 545 11.47 8.62 -24.04
C ALA A 545 11.13 8.02 -22.70
N GLN A 546 12.14 7.82 -21.86
CA GLN A 546 11.92 7.18 -20.58
C GLN A 546 11.35 8.10 -19.53
N ARG A 547 11.63 9.38 -19.62
CA ARG A 547 10.97 10.39 -18.79
C ARG A 547 9.47 10.42 -19.11
N THR A 548 9.14 10.23 -20.39
CA THR A 548 7.77 10.16 -20.88
C THR A 548 7.10 8.86 -20.46
N GLU A 549 7.86 7.77 -20.49
CA GLU A 549 7.34 6.49 -20.05
C GLU A 549 6.96 6.59 -18.57
N VAL A 550 7.86 7.15 -17.77
CA VAL A 550 7.63 7.34 -16.34
C VAL A 550 6.39 8.20 -16.12
N ALA A 551 6.31 9.31 -16.84
CA ALA A 551 5.15 10.21 -16.76
C ALA A 551 3.84 9.45 -17.05
N GLY A 552 3.84 8.63 -18.08
CA GLY A 552 2.70 7.80 -18.45
C GLY A 552 2.31 6.90 -17.29
N MET A 553 3.24 6.08 -16.82
CA MET A 553 3.01 5.27 -15.64
C MET A 553 2.33 6.04 -14.51
N THR A 554 2.99 7.10 -14.06
CA THR A 554 2.51 7.90 -12.94
C THR A 554 1.07 8.39 -13.17
N ALA A 555 0.86 9.07 -14.29
CA ALA A 555 -0.45 9.60 -14.66
C ALA A 555 -1.54 8.53 -14.66
N GLN A 556 -1.22 7.35 -15.17
CA GLN A 556 -2.25 6.30 -15.19
C GLN A 556 -2.42 5.55 -13.85
N ILE A 557 -1.38 5.49 -13.03
CA ILE A 557 -1.54 5.03 -11.64
C ILE A 557 -2.40 6.03 -10.84
N ASN A 558 -2.19 7.32 -11.11
CA ASN A 558 -3.02 8.39 -10.58
C ASN A 558 -4.50 8.07 -10.83
N ARG A 559 -4.85 7.88 -12.11
CA ARG A 559 -6.22 7.54 -12.50
C ARG A 559 -6.71 6.26 -11.84
N LYS A 560 -5.82 5.28 -11.67
CA LYS A 560 -6.21 4.03 -11.02
C LYS A 560 -6.63 4.27 -9.58
N ALA A 561 -5.79 4.94 -8.79
CA ALA A 561 -6.13 5.23 -7.39
C ALA A 561 -7.37 6.10 -7.29
N LEU A 562 -7.52 7.02 -8.26
CA LEU A 562 -8.70 7.87 -8.34
C LEU A 562 -9.95 7.03 -8.52
N ILE A 563 -9.94 6.19 -9.55
CA ILE A 563 -11.04 5.28 -9.86
C ILE A 563 -11.46 4.47 -8.63
N ASN A 564 -10.49 3.81 -8.00
CA ASN A 564 -10.80 2.97 -6.86
C ASN A 564 -11.20 3.76 -5.62
N GLY A 565 -10.69 4.98 -5.51
CA GLY A 565 -11.08 5.89 -4.44
C GLY A 565 -12.57 6.16 -4.42
N LEU A 566 -13.10 6.54 -5.59
CA LEU A 566 -14.54 6.80 -5.72
C LEU A 566 -15.38 5.60 -5.29
N ALA A 567 -15.03 4.43 -5.82
CA ALA A 567 -15.71 3.18 -5.48
C ALA A 567 -15.79 3.00 -3.96
N GLY A 568 -14.66 3.22 -3.28
CA GLY A 568 -14.56 3.10 -1.84
C GLY A 568 -15.33 4.20 -1.11
N ALA A 569 -15.30 5.41 -1.67
CA ALA A 569 -15.90 6.57 -1.04
C ALA A 569 -17.40 6.41 -0.87
N LEU A 570 -18.03 5.83 -1.89
CA LEU A 570 -19.49 5.63 -1.88
C LEU A 570 -19.94 4.73 -0.73
N GLY A 571 -18.98 4.01 -0.14
CA GLY A 571 -19.25 3.21 1.05
C GLY A 571 -18.95 3.96 2.33
N ASN A 572 -18.48 5.19 2.21
CA ASN A 572 -18.02 5.98 3.36
C ASN A 572 -19.04 7.02 3.78
N VAL A 573 -19.57 6.84 4.98
CA VAL A 573 -20.65 7.72 5.49
C VAL A 573 -20.31 9.21 5.53
N TRP A 574 -19.01 9.53 5.46
CA TRP A 574 -18.54 10.91 5.52
C TRP A 574 -18.48 11.55 4.14
N PHE A 575 -18.90 10.81 3.12
CA PHE A 575 -18.83 11.28 1.75
C PHE A 575 -20.08 12.05 1.41
N ARG A 576 -19.93 13.25 0.83
CA ARG A 576 -21.06 14.11 0.50
C ARG A 576 -22.09 13.38 -0.37
N TYR A 577 -21.68 12.29 -1.02
CA TYR A 577 -22.54 11.61 -1.98
C TYR A 577 -22.90 10.20 -1.56
N TYR A 578 -22.56 9.85 -0.33
CA TYR A 578 -22.88 8.53 0.22
C TYR A 578 -24.38 8.25 0.31
N ASP A 579 -24.73 6.99 0.14
CA ASP A 579 -26.09 6.50 0.32
C ASP A 579 -26.01 5.00 0.54
N LEU A 580 -26.47 4.54 1.70
CA LEU A 580 -26.43 3.11 2.01
C LEU A 580 -27.03 2.24 0.89
N ARG A 581 -28.12 2.70 0.29
CA ARG A 581 -28.77 1.92 -0.77
C ARG A 581 -27.83 1.77 -1.96
N ASN A 582 -27.16 2.85 -2.33
CA ASN A 582 -26.17 2.82 -3.40
C ASN A 582 -24.93 2.00 -3.07
N ALA A 583 -24.53 1.97 -1.80
CA ALA A 583 -23.37 1.18 -1.41
C ALA A 583 -23.68 -0.31 -1.42
N THR A 584 -24.88 -0.65 -0.95
CA THR A 584 -25.34 -2.03 -0.94
C THR A 584 -25.56 -2.47 -2.38
N ALA A 585 -26.14 -1.58 -3.18
CA ALA A 585 -26.30 -1.80 -4.61
C ALA A 585 -25.01 -2.33 -5.27
N ILE A 586 -23.91 -1.63 -5.02
CA ILE A 586 -22.61 -2.00 -5.58
C ILE A 586 -22.19 -3.39 -5.09
N THR A 587 -22.06 -3.57 -3.78
CA THR A 587 -21.50 -4.81 -3.24
C THR A 587 -22.38 -6.05 -3.45
N THR A 588 -23.70 -5.90 -3.34
CA THR A 588 -24.60 -7.02 -3.60
C THR A 588 -24.55 -7.42 -5.07
N PHE A 589 -24.56 -6.44 -5.97
CA PHE A 589 -24.41 -6.73 -7.40
C PHE A 589 -23.12 -7.53 -7.59
N GLY A 590 -22.04 -7.07 -6.97
CA GLY A 590 -20.79 -7.81 -6.95
C GLY A 590 -20.96 -9.29 -6.64
N GLN A 591 -21.55 -9.58 -5.50
CA GLN A 591 -21.69 -10.95 -5.04
C GLN A 591 -22.48 -11.81 -6.02
N MET A 592 -23.51 -11.22 -6.62
CA MET A 592 -24.32 -11.94 -7.59
C MET A 592 -23.47 -12.25 -8.82
N ALA A 593 -22.73 -11.26 -9.29
CA ALA A 593 -21.93 -11.38 -10.48
C ALA A 593 -20.99 -12.57 -10.35
N LEU A 594 -20.41 -12.72 -9.16
CA LEU A 594 -19.44 -13.76 -8.93
C LEU A 594 -20.08 -15.14 -8.85
N GLN A 595 -21.24 -15.23 -8.22
CA GLN A 595 -21.88 -16.53 -8.02
C GLN A 595 -22.67 -16.96 -9.25
N TRP A 596 -23.18 -15.98 -9.97
CA TRP A 596 -23.85 -16.20 -11.25
C TRP A 596 -22.86 -16.81 -12.25
N ILE A 597 -21.69 -16.17 -12.40
CA ILE A 597 -20.71 -16.66 -13.35
C ILE A 597 -20.09 -17.98 -12.90
N GLU A 598 -20.02 -18.20 -11.59
CA GLU A 598 -19.65 -19.50 -11.04
C GLU A 598 -20.62 -20.58 -11.52
N ARG A 599 -21.91 -20.31 -11.40
CA ARG A 599 -22.95 -21.22 -11.91
C ARG A 599 -22.79 -21.47 -13.42
N LYS A 600 -22.68 -20.40 -14.21
CA LYS A 600 -22.49 -20.55 -15.67
C LYS A 600 -21.26 -21.40 -16.02
N VAL A 601 -20.12 -21.09 -15.39
CA VAL A 601 -18.88 -21.84 -15.61
C VAL A 601 -19.05 -23.32 -15.24
N ASN A 602 -19.75 -23.59 -14.14
CA ASN A 602 -20.05 -24.97 -13.79
C ASN A 602 -20.96 -25.63 -14.82
N GLU A 603 -22.00 -24.91 -15.24
CA GLU A 603 -22.91 -25.42 -16.26
C GLU A 603 -22.18 -25.71 -17.56
N TYR A 604 -21.32 -24.78 -17.97
CA TYR A 604 -20.62 -24.93 -19.23
C TYR A 604 -19.67 -26.13 -19.19
N LEU A 605 -18.80 -26.19 -18.19
CA LEU A 605 -17.80 -27.26 -18.10
C LEU A 605 -18.41 -28.66 -17.97
N ASN A 606 -19.52 -28.77 -17.27
CA ASN A 606 -20.25 -30.03 -17.20
C ASN A 606 -20.76 -30.49 -18.58
N GLU A 607 -21.40 -29.59 -19.31
CA GLU A 607 -21.87 -29.85 -20.68
C GLU A 607 -20.73 -30.29 -21.58
N VAL A 608 -19.64 -29.52 -21.54
CA VAL A 608 -18.50 -29.71 -22.39
C VAL A 608 -17.71 -30.99 -22.07
N CYS A 609 -17.55 -31.29 -20.78
CA CYS A 609 -16.87 -32.52 -20.35
C CYS A 609 -17.80 -33.73 -20.21
N GLY A 610 -19.11 -33.53 -20.41
CA GLY A 610 -20.08 -34.60 -20.27
C GLY A 610 -20.13 -35.23 -18.89
N THR A 611 -20.34 -34.40 -17.86
CA THR A 611 -20.43 -34.87 -16.48
C THR A 611 -21.67 -34.30 -15.79
N GLU A 612 -22.12 -34.97 -14.74
CA GLU A 612 -23.32 -34.53 -13.99
C GLU A 612 -22.95 -33.65 -12.80
N GLY A 613 -23.53 -32.47 -12.74
CA GLY A 613 -23.37 -31.55 -11.60
C GLY A 613 -22.01 -31.59 -10.88
N GLU A 614 -20.96 -31.30 -11.63
CA GLU A 614 -19.62 -31.35 -11.10
C GLU A 614 -19.20 -29.96 -10.65
N ALA A 615 -18.47 -29.89 -9.53
CA ALA A 615 -17.99 -28.63 -9.00
C ALA A 615 -16.66 -28.30 -9.66
N PHE A 616 -16.69 -27.38 -10.62
CA PHE A 616 -15.47 -26.96 -11.29
C PHE A 616 -14.83 -25.76 -10.61
N VAL A 617 -15.65 -24.75 -10.30
CA VAL A 617 -15.17 -23.59 -9.57
C VAL A 617 -14.92 -24.01 -8.12
N LEU A 618 -13.65 -24.04 -7.72
CA LEU A 618 -13.29 -24.51 -6.38
C LEU A 618 -13.24 -23.37 -5.38
N TYR A 619 -13.10 -22.15 -5.89
CA TYR A 619 -12.92 -20.98 -5.05
C TYR A 619 -13.15 -19.68 -5.81
N GLY A 620 -13.51 -18.65 -5.06
CA GLY A 620 -13.67 -17.30 -5.59
C GLY A 620 -13.51 -16.28 -4.50
N ASP A 621 -13.04 -15.09 -4.86
CA ASP A 621 -12.83 -14.01 -3.91
C ASP A 621 -13.01 -12.65 -4.56
N THR A 622 -14.03 -11.93 -4.11
CA THR A 622 -14.40 -10.60 -4.61
C THR A 622 -14.66 -10.60 -6.12
N ASP A 623 -13.59 -10.66 -6.91
CA ASP A 623 -13.70 -10.45 -8.33
C ASP A 623 -13.07 -11.57 -9.16
N SER A 624 -12.67 -12.66 -8.51
CA SER A 624 -11.96 -13.72 -9.20
C SER A 624 -12.47 -15.12 -8.88
N ILE A 625 -12.42 -15.99 -9.88
CA ILE A 625 -12.79 -17.39 -9.68
C ILE A 625 -11.64 -18.34 -10.00
N TYR A 626 -11.66 -19.51 -9.37
CA TYR A 626 -10.61 -20.49 -9.49
C TYR A 626 -11.17 -21.82 -9.94
N VAL A 627 -10.76 -22.24 -11.14
CA VAL A 627 -11.39 -23.35 -11.83
C VAL A 627 -10.46 -24.55 -11.82
N SER A 628 -10.98 -25.69 -11.38
CA SER A 628 -10.21 -26.91 -11.38
C SER A 628 -10.22 -27.47 -12.78
N ALA A 629 -9.05 -27.54 -13.40
CA ALA A 629 -8.94 -28.04 -14.77
C ALA A 629 -8.63 -29.54 -14.83
N ASP A 630 -8.68 -30.20 -13.68
CA ASP A 630 -8.32 -31.61 -13.56
C ASP A 630 -9.09 -32.49 -14.51
N LYS A 631 -10.38 -32.19 -14.68
CA LYS A 631 -11.25 -33.00 -15.49
C LYS A 631 -10.97 -32.76 -16.97
N ILE A 632 -10.60 -31.53 -17.30
CA ILE A 632 -10.25 -31.15 -18.66
C ILE A 632 -9.00 -31.90 -19.12
N ILE A 633 -8.00 -32.01 -18.23
CA ILE A 633 -6.77 -32.75 -18.50
C ILE A 633 -7.04 -34.26 -18.68
N ASP A 634 -7.86 -34.85 -17.82
CA ASP A 634 -8.25 -36.27 -17.96
C ASP A 634 -8.91 -36.52 -19.30
N LYS A 635 -9.94 -35.72 -19.60
CA LYS A 635 -10.71 -35.83 -20.84
C LYS A 635 -9.82 -35.90 -22.08
N VAL A 636 -8.73 -35.14 -22.07
CA VAL A 636 -7.70 -35.23 -23.08
C VAL A 636 -6.88 -36.51 -22.89
N GLY A 637 -6.34 -36.67 -21.68
CA GLY A 637 -5.40 -37.74 -21.37
C GLY A 637 -4.04 -37.10 -21.12
N GLU A 638 -3.58 -37.19 -19.87
CA GLU A 638 -2.34 -36.54 -19.43
C GLU A 638 -1.11 -36.95 -20.25
N SER A 639 -1.05 -38.23 -20.63
CA SER A 639 0.11 -38.78 -21.34
C SER A 639 0.25 -38.27 -22.79
N LYS A 640 -0.74 -37.51 -23.24
CA LYS A 640 -0.76 -37.02 -24.61
C LYS A 640 0.07 -35.75 -24.78
N PHE A 641 0.51 -35.15 -23.68
CA PHE A 641 1.25 -33.89 -23.74
C PHE A 641 2.75 -34.08 -23.89
N ARG A 642 3.37 -33.26 -24.73
CA ARG A 642 4.81 -33.34 -24.98
C ARG A 642 5.63 -32.78 -23.83
N ASP A 643 5.34 -31.56 -23.42
CA ASP A 643 6.01 -30.96 -22.26
C ASP A 643 5.04 -30.15 -21.40
N THR A 644 5.56 -29.58 -20.31
CA THR A 644 4.76 -28.72 -19.43
C THR A 644 4.10 -27.59 -20.20
N ASN A 645 4.89 -26.90 -21.04
CA ASN A 645 4.35 -25.84 -21.90
C ASN A 645 3.24 -26.30 -22.81
N HIS A 646 3.28 -27.56 -23.23
CA HIS A 646 2.24 -28.09 -24.09
C HIS A 646 0.86 -28.06 -23.44
N TRP A 647 0.74 -28.51 -22.19
CA TRP A 647 -0.56 -28.44 -21.51
C TRP A 647 -0.94 -27.03 -21.08
N VAL A 648 0.06 -26.20 -20.77
CA VAL A 648 -0.19 -24.80 -20.45
C VAL A 648 -0.67 -24.07 -21.71
N ASP A 649 -0.09 -24.41 -22.86
CA ASP A 649 -0.61 -23.92 -24.14
C ASP A 649 -2.06 -24.31 -24.30
N PHE A 650 -2.35 -25.58 -24.03
CA PHE A 650 -3.69 -26.11 -24.21
C PHE A 650 -4.70 -25.38 -23.31
N LEU A 651 -4.39 -25.25 -22.03
CA LEU A 651 -5.28 -24.56 -21.11
C LEU A 651 -5.49 -23.09 -21.49
N ASP A 652 -4.47 -22.48 -22.11
CA ASP A 652 -4.57 -21.09 -22.56
C ASP A 652 -5.55 -20.96 -23.70
N LYS A 653 -5.36 -21.79 -24.72
CA LYS A 653 -6.22 -21.84 -25.90
C LYS A 653 -7.65 -22.16 -25.47
N PHE A 654 -7.80 -23.11 -24.55
CA PHE A 654 -9.11 -23.48 -24.02
C PHE A 654 -9.74 -22.32 -23.26
N ALA A 655 -8.94 -21.57 -22.51
CA ALA A 655 -9.46 -20.40 -21.81
C ALA A 655 -9.89 -19.35 -22.80
N ARG A 656 -9.06 -19.14 -23.81
CA ARG A 656 -9.25 -18.06 -24.74
C ARG A 656 -10.44 -18.28 -25.67
N GLU A 657 -10.56 -19.49 -26.22
CA GLU A 657 -11.50 -19.75 -27.32
C GLU A 657 -12.82 -20.34 -26.87
N ARG A 658 -12.87 -20.81 -25.62
CA ARG A 658 -14.00 -21.58 -25.15
C ARG A 658 -14.64 -20.98 -23.90
N MET A 659 -13.86 -20.84 -22.84
CA MET A 659 -14.40 -20.38 -21.58
C MET A 659 -14.77 -18.90 -21.58
N GLU A 660 -13.89 -18.07 -22.11
CA GLU A 660 -14.15 -16.63 -22.14
C GLU A 660 -15.39 -16.25 -22.97
N PRO A 661 -15.52 -16.83 -24.18
CA PRO A 661 -16.78 -16.64 -24.93
C PRO A 661 -18.00 -17.01 -24.10
N ALA A 662 -17.93 -18.13 -23.38
CA ALA A 662 -19.04 -18.59 -22.53
C ALA A 662 -19.29 -17.62 -21.39
N ILE A 663 -18.22 -17.21 -20.71
CA ILE A 663 -18.32 -16.24 -19.63
C ILE A 663 -18.98 -14.97 -20.14
N ASP A 664 -18.53 -14.46 -21.30
CA ASP A 664 -19.16 -13.28 -21.87
C ASP A 664 -20.66 -13.43 -22.16
N ARG A 665 -21.05 -14.55 -22.78
CA ARG A 665 -22.47 -14.89 -22.96
C ARG A 665 -23.20 -14.86 -21.63
N GLY A 666 -22.59 -15.49 -20.61
CA GLY A 666 -23.13 -15.54 -19.27
C GLY A 666 -23.39 -14.16 -18.71
N PHE A 667 -22.43 -13.25 -18.85
CA PHE A 667 -22.61 -11.90 -18.33
C PHE A 667 -23.55 -11.02 -19.16
N ARG A 668 -23.61 -11.25 -20.47
CA ARG A 668 -24.56 -10.52 -21.29
C ARG A 668 -25.97 -10.84 -20.81
N GLU A 669 -26.22 -12.11 -20.52
CA GLU A 669 -27.52 -12.54 -20.04
C GLU A 669 -27.84 -11.87 -18.71
N MET A 670 -26.88 -11.88 -17.79
CA MET A 670 -27.06 -11.26 -16.48
C MET A 670 -27.43 -9.79 -16.63
N CYS A 671 -26.77 -9.12 -17.56
CA CYS A 671 -27.00 -7.72 -17.85
C CYS A 671 -28.44 -7.47 -18.28
N GLU A 672 -28.95 -8.32 -19.18
CA GLU A 672 -30.35 -8.24 -19.60
C GLU A 672 -31.33 -8.54 -18.47
N TYR A 673 -30.95 -9.48 -17.60
CA TYR A 673 -31.78 -9.88 -16.48
C TYR A 673 -32.02 -8.68 -15.56
N MET A 674 -30.95 -7.96 -15.27
CA MET A 674 -30.99 -6.78 -14.42
C MET A 674 -31.31 -5.52 -15.22
N ASN A 675 -31.41 -5.68 -16.54
CA ASN A 675 -31.76 -4.59 -17.47
C ASN A 675 -30.84 -3.38 -17.29
N ASN A 676 -29.53 -3.61 -17.27
CA ASN A 676 -28.55 -2.57 -16.99
C ASN A 676 -28.28 -1.63 -18.15
N LYS A 677 -27.74 -0.45 -17.83
CA LYS A 677 -27.37 0.56 -18.82
C LYS A 677 -26.38 0.05 -19.89
N GLN A 678 -25.34 -0.66 -19.46
CA GLN A 678 -24.36 -1.26 -20.40
C GLN A 678 -23.65 -2.48 -19.82
N HIS A 679 -23.25 -3.39 -20.70
CA HIS A 679 -22.50 -4.57 -20.28
C HIS A 679 -21.03 -4.22 -20.06
N LEU A 680 -20.56 -4.36 -18.82
CA LEU A 680 -19.16 -4.08 -18.47
C LEU A 680 -18.54 -5.15 -17.61
N MET A 681 -19.25 -6.26 -17.40
CA MET A 681 -18.68 -7.38 -16.65
C MET A 681 -17.72 -8.16 -17.55
N PHE A 682 -16.44 -7.79 -17.50
CA PHE A 682 -15.44 -8.40 -18.36
C PHE A 682 -14.52 -9.28 -17.54
N MET A 683 -14.60 -10.57 -17.78
CA MET A 683 -13.76 -11.52 -17.07
C MET A 683 -12.83 -12.17 -18.06
N ASP A 684 -11.54 -12.21 -17.74
CA ASP A 684 -10.61 -13.02 -18.51
C ASP A 684 -9.59 -13.75 -17.66
N ARG A 685 -8.85 -14.63 -18.32
CA ARG A 685 -7.95 -15.55 -17.66
C ARG A 685 -6.83 -14.80 -16.97
N GLU A 686 -6.53 -15.23 -15.75
CA GLU A 686 -5.44 -14.67 -14.98
C GLU A 686 -4.28 -15.67 -14.98
N ALA A 687 -4.38 -16.72 -14.17
CA ALA A 687 -3.27 -17.62 -13.96
C ALA A 687 -3.53 -19.05 -14.41
N ILE A 688 -2.46 -19.75 -14.78
CA ILE A 688 -2.51 -21.19 -15.02
C ILE A 688 -1.50 -21.85 -14.08
N ALA A 689 -1.96 -22.77 -13.27
CA ALA A 689 -1.12 -23.38 -12.26
C ALA A 689 -1.18 -24.90 -12.38
N GLY A 690 -0.09 -25.58 -12.02
CA GLY A 690 -0.06 -27.04 -12.04
C GLY A 690 1.32 -27.58 -11.71
N PRO A 691 1.45 -28.91 -11.62
CA PRO A 691 2.77 -29.47 -11.39
C PRO A 691 3.50 -29.66 -12.72
N PRO A 692 4.85 -29.62 -12.72
CA PRO A 692 5.59 -29.90 -13.96
C PRO A 692 5.24 -31.28 -14.50
N LEU A 693 5.17 -31.41 -15.83
CA LEU A 693 4.75 -32.67 -16.48
C LEU A 693 5.67 -33.81 -16.07
N GLY A 694 5.09 -34.94 -15.67
CA GLY A 694 5.86 -36.11 -15.25
C GLY A 694 6.60 -35.97 -13.91
N SER A 695 6.22 -34.97 -13.11
CA SER A 695 6.67 -34.89 -11.73
C SER A 695 5.59 -35.55 -10.87
N LYS A 696 5.81 -35.58 -9.56
CA LYS A 696 4.79 -36.08 -8.64
C LYS A 696 4.24 -34.95 -7.77
N GLY A 697 4.47 -33.71 -8.22
CA GLY A 697 3.99 -32.51 -7.53
C GLY A 697 2.47 -32.41 -7.56
N ILE A 698 1.91 -31.68 -6.61
CA ILE A 698 0.44 -31.61 -6.49
C ILE A 698 -0.20 -30.34 -7.08
N GLY A 699 0.62 -29.45 -7.64
CA GLY A 699 0.11 -28.27 -8.35
C GLY A 699 -0.26 -27.13 -7.43
N GLY A 700 -1.28 -27.34 -6.61
CA GLY A 700 -1.70 -26.36 -5.60
C GLY A 700 -2.52 -26.96 -4.47
N PHE A 701 -2.91 -26.11 -3.53
CA PHE A 701 -3.85 -26.52 -2.49
C PHE A 701 -4.44 -25.35 -1.71
N TRP A 702 -5.65 -25.55 -1.19
CA TRP A 702 -6.32 -24.61 -0.30
C TRP A 702 -6.43 -25.21 1.09
N THR A 703 -6.32 -24.40 2.13
CA THR A 703 -6.57 -24.90 3.47
C THR A 703 -7.82 -24.24 4.06
N GLY A 704 -8.28 -23.20 3.38
CA GLY A 704 -9.40 -22.39 3.86
C GLY A 704 -9.51 -21.12 3.02
N LYS A 705 -10.49 -20.28 3.35
CA LYS A 705 -10.66 -18.97 2.70
C LYS A 705 -9.37 -18.18 2.81
N LYS A 706 -8.91 -17.64 1.68
CA LYS A 706 -7.70 -16.79 1.62
C LYS A 706 -6.42 -17.49 2.05
N ARG A 707 -6.40 -18.83 1.95
CA ARG A 707 -5.25 -19.62 2.37
C ARG A 707 -4.97 -20.73 1.36
N TYR A 708 -3.97 -20.53 0.52
CA TYR A 708 -3.70 -21.42 -0.60
C TYR A 708 -2.35 -21.19 -1.28
N ALA A 709 -1.84 -22.23 -1.95
CA ALA A 709 -0.62 -22.11 -2.74
C ALA A 709 -0.85 -22.65 -4.14
N LEU A 710 -0.25 -21.97 -5.12
CA LEU A 710 -0.34 -22.37 -6.52
C LEU A 710 1.03 -22.28 -7.18
N ASN A 711 1.35 -23.29 -7.98
CA ASN A 711 2.55 -23.28 -8.80
C ASN A 711 2.23 -22.71 -10.19
N VAL A 712 2.41 -21.40 -10.34
CA VAL A 712 1.94 -20.68 -11.53
C VAL A 712 2.94 -20.67 -12.70
N TRP A 713 2.46 -21.06 -13.88
CA TRP A 713 3.28 -21.11 -15.09
C TRP A 713 3.07 -19.91 -16.00
N ASP A 714 1.88 -19.31 -15.92
CA ASP A 714 1.53 -18.23 -16.82
C ASP A 714 0.61 -17.26 -16.12
N MET A 715 0.84 -15.98 -16.36
CA MET A 715 0.01 -14.93 -15.81
C MET A 715 -0.39 -14.00 -16.95
N GLU A 716 -1.68 -14.00 -17.26
CA GLU A 716 -2.24 -13.13 -18.29
C GLU A 716 -1.44 -13.14 -19.57
N GLY A 717 -1.02 -14.33 -19.99
CA GLY A 717 -0.35 -14.48 -21.27
C GLY A 717 1.16 -14.39 -21.25
N THR A 718 1.76 -13.97 -20.14
CA THR A 718 3.22 -14.06 -20.05
C THR A 718 3.66 -15.36 -19.38
N ARG A 719 4.50 -16.10 -20.11
CA ARG A 719 4.98 -17.41 -19.70
C ARG A 719 6.28 -17.30 -18.91
N TYR A 720 6.29 -17.85 -17.70
CA TYR A 720 7.48 -17.82 -16.87
C TYR A 720 8.45 -18.92 -17.25
N ALA A 721 9.75 -18.62 -17.21
CA ALA A 721 10.80 -19.62 -17.44
C ALA A 721 10.86 -20.60 -16.26
N GLU A 722 11.04 -20.07 -15.05
CA GLU A 722 10.84 -20.85 -13.83
C GLU A 722 9.40 -20.67 -13.40
N PRO A 723 8.77 -21.71 -12.85
CA PRO A 723 7.41 -21.51 -12.36
C PRO A 723 7.45 -20.62 -11.11
N LYS A 724 6.41 -19.81 -10.90
CA LYS A 724 6.33 -18.94 -9.73
C LYS A 724 5.35 -19.47 -8.69
N LEU A 725 5.82 -19.59 -7.45
CA LEU A 725 4.93 -19.96 -6.34
C LEU A 725 4.06 -18.78 -5.95
N LYS A 726 2.75 -18.98 -5.97
CA LYS A 726 1.87 -17.98 -5.39
C LYS A 726 1.33 -18.52 -4.08
N ILE A 727 1.72 -17.89 -2.98
CA ILE A 727 1.35 -18.34 -1.65
C ILE A 727 0.53 -17.30 -0.92
N MET A 728 -0.57 -17.73 -0.31
CA MET A 728 -1.51 -16.82 0.34
C MET A 728 -1.90 -17.28 1.73
N GLY A 729 -1.70 -16.41 2.71
CA GLY A 729 -2.19 -16.62 4.07
C GLY A 729 -1.69 -17.87 4.75
N LEU A 730 -0.46 -18.27 4.45
CA LEU A 730 0.05 -19.53 4.99
C LEU A 730 1.18 -19.34 6.01
N GLU A 731 1.36 -18.11 6.47
CA GLU A 731 2.36 -17.78 7.52
C GLU A 731 3.81 -17.96 7.11
N THR A 732 4.05 -18.09 5.80
CA THR A 732 5.40 -18.08 5.26
C THR A 732 6.04 -16.69 5.38
N GLN A 733 5.26 -15.67 5.75
CA GLN A 733 5.76 -14.30 5.78
C GLN A 733 5.47 -13.50 7.07
N LYS A 734 4.50 -13.95 7.87
CA LYS A 734 4.20 -13.32 9.15
C LYS A 734 5.50 -13.06 9.93
N SER A 735 5.62 -11.85 10.49
CA SER A 735 6.75 -11.50 11.34
C SER A 735 6.90 -12.45 12.51
N SER A 736 5.82 -13.14 12.85
CA SER A 736 5.81 -14.07 13.97
C SER A 736 6.57 -15.36 13.65
N THR A 737 6.52 -15.80 12.39
CA THR A 737 7.21 -17.01 11.96
C THR A 737 8.71 -16.75 11.96
N PRO A 738 9.49 -17.61 12.65
CA PRO A 738 10.93 -17.41 12.68
C PRO A 738 11.54 -17.42 11.27
N LYS A 739 12.53 -16.56 11.06
CA LYS A 739 13.16 -16.39 9.78
C LYS A 739 13.49 -17.70 9.05
N ALA A 740 14.03 -18.69 9.76
CA ALA A 740 14.46 -19.95 9.13
C ALA A 740 13.28 -20.84 8.78
N VAL A 741 12.25 -20.76 9.61
CA VAL A 741 11.01 -21.50 9.42
C VAL A 741 10.24 -20.91 8.23
N GLN A 742 10.30 -19.59 8.08
CA GLN A 742 9.79 -18.94 6.88
C GLN A 742 10.37 -19.56 5.61
N LYS A 743 11.70 -19.63 5.51
CA LYS A 743 12.34 -20.23 4.34
C LYS A 743 11.94 -21.70 4.21
N ALA A 744 11.91 -22.38 5.36
CA ALA A 744 11.66 -23.82 5.41
C ALA A 744 10.27 -24.17 4.94
N LEU A 745 9.28 -23.45 5.48
CA LEU A 745 7.90 -23.65 5.10
C LEU A 745 7.68 -23.41 3.60
N LYS A 746 8.33 -22.39 3.06
CA LYS A 746 8.25 -22.13 1.63
C LYS A 746 8.89 -23.26 0.84
N GLU A 747 9.94 -23.87 1.39
CA GLU A 747 10.58 -24.99 0.70
C GLU A 747 9.70 -26.22 0.74
N CYS A 748 9.00 -26.42 1.86
CA CYS A 748 8.01 -27.50 1.99
C CYS A 748 6.89 -27.36 0.98
N ILE A 749 6.33 -26.17 0.87
CA ILE A 749 5.33 -25.88 -0.15
C ILE A 749 5.89 -26.06 -1.58
N ARG A 750 7.11 -25.57 -1.83
CA ARG A 750 7.69 -25.65 -3.16
C ARG A 750 7.76 -27.12 -3.58
N ARG A 751 8.23 -27.95 -2.66
CA ARG A 751 8.41 -29.35 -2.96
C ARG A 751 7.08 -30.07 -3.10
N MET A 752 6.11 -29.72 -2.26
CA MET A 752 4.78 -30.26 -2.40
C MET A 752 4.20 -30.01 -3.78
N LEU A 753 4.22 -28.76 -4.21
CA LEU A 753 3.62 -28.38 -5.48
C LEU A 753 4.41 -28.88 -6.67
N GLN A 754 5.74 -28.86 -6.56
CA GLN A 754 6.60 -29.10 -7.71
C GLN A 754 7.14 -30.52 -7.80
N GLU A 755 7.31 -31.19 -6.67
CA GLU A 755 8.06 -32.44 -6.67
C GLU A 755 7.32 -33.62 -6.02
N GLY A 756 6.50 -33.34 -5.02
CA GLY A 756 5.62 -34.36 -4.43
C GLY A 756 5.91 -34.76 -2.99
N GLU A 757 5.24 -35.82 -2.56
CA GLU A 757 5.28 -36.28 -1.17
C GLU A 757 6.65 -36.73 -0.71
N GLU A 758 7.30 -37.59 -1.49
CA GLU A 758 8.60 -38.13 -1.13
C GLU A 758 9.64 -37.01 -0.96
N SER A 759 9.64 -36.06 -1.90
CA SER A 759 10.55 -34.93 -1.81
C SER A 759 10.35 -34.14 -0.52
N LEU A 760 9.09 -33.88 -0.18
CA LEU A 760 8.73 -33.17 1.04
C LEU A 760 9.24 -33.93 2.26
N GLN A 761 9.03 -35.25 2.23
CA GLN A 761 9.42 -36.12 3.32
C GLN A 761 10.92 -36.12 3.50
N GLU A 762 11.65 -36.05 2.39
CA GLU A 762 13.10 -36.03 2.49
C GLU A 762 13.59 -34.67 2.99
N TYR A 763 12.89 -33.59 2.61
CA TYR A 763 13.30 -32.27 3.09
C TYR A 763 12.95 -32.05 4.57
N PHE A 764 11.78 -32.53 4.99
CA PHE A 764 11.40 -32.45 6.38
C PHE A 764 12.44 -33.09 7.31
N LYS A 765 12.88 -34.30 6.98
CA LYS A 765 13.81 -35.03 7.83
C LYS A 765 15.14 -34.27 7.85
N GLU A 766 15.47 -33.69 6.71
CA GLU A 766 16.68 -32.92 6.52
C GLU A 766 16.68 -31.65 7.37
N PHE A 767 15.58 -30.90 7.32
CA PHE A 767 15.47 -29.67 8.09
C PHE A 767 15.44 -29.96 9.59
N GLU A 768 14.66 -30.98 9.95
CA GLU A 768 14.59 -31.45 11.34
C GLU A 768 16.00 -31.74 11.87
N LYS A 769 16.85 -32.30 11.02
CA LYS A 769 18.19 -32.65 11.43
C LYS A 769 19.08 -31.43 11.56
N GLU A 770 18.90 -30.46 10.66
CA GLU A 770 19.71 -29.25 10.62
C GLU A 770 19.26 -28.21 11.67
N PHE A 771 18.11 -28.48 12.29
CA PHE A 771 17.47 -27.51 13.16
C PHE A 771 18.31 -27.11 14.37
N ARG A 772 18.78 -28.10 15.11
CA ARG A 772 19.59 -27.86 16.31
C ARG A 772 20.96 -27.24 16.02
N GLN A 773 21.21 -26.92 14.75
CA GLN A 773 22.47 -26.33 14.33
C GLN A 773 22.33 -24.86 13.91
N LEU A 774 21.10 -24.38 13.81
CA LEU A 774 20.87 -23.04 13.26
C LEU A 774 21.09 -21.98 14.31
N ASN A 775 21.47 -20.78 13.86
CA ASN A 775 21.59 -19.64 14.77
C ASN A 775 20.31 -19.46 15.55
N TYR A 776 20.43 -19.25 16.86
CA TYR A 776 19.24 -19.16 17.71
C TYR A 776 18.31 -18.02 17.29
N ILE A 777 18.87 -16.94 16.77
CA ILE A 777 18.06 -15.81 16.35
C ILE A 777 17.16 -16.14 15.15
N SER A 778 17.65 -17.00 14.25
CA SER A 778 16.89 -17.39 13.06
C SER A 778 15.74 -18.34 13.37
N ILE A 779 15.73 -18.91 14.57
CA ILE A 779 14.70 -19.88 14.95
C ILE A 779 13.71 -19.39 16.03
N ALA A 780 13.94 -18.19 16.57
CA ALA A 780 13.03 -17.63 17.58
C ALA A 780 11.82 -17.03 16.90
N SER A 781 10.65 -17.18 17.51
CA SER A 781 9.45 -16.53 16.99
C SER A 781 9.44 -15.08 17.43
N VAL A 782 8.61 -14.26 16.80
CA VAL A 782 8.56 -12.84 17.10
C VAL A 782 7.16 -12.40 17.50
N SER A 783 7.08 -11.66 18.61
CA SER A 783 5.80 -11.13 19.09
C SER A 783 5.87 -9.63 19.33
N SER A 784 4.80 -9.07 19.90
CA SER A 784 4.76 -7.67 20.30
C SER A 784 4.55 -7.55 21.80
N ALA A 785 5.30 -6.66 22.44
CA ALA A 785 5.20 -6.44 23.88
C ALA A 785 4.06 -5.47 24.22
N ASN A 786 2.84 -6.00 24.28
CA ASN A 786 1.64 -5.20 24.55
C ASN A 786 0.99 -5.52 25.90
N ASN A 787 0.77 -4.49 26.70
CA ASN A 787 0.15 -4.60 28.03
C ASN A 787 0.99 -5.36 29.06
N ILE A 788 2.29 -5.12 29.06
CA ILE A 788 3.21 -5.80 29.97
C ILE A 788 2.87 -5.46 31.42
N ALA A 789 2.63 -4.17 31.67
CA ALA A 789 2.22 -3.68 32.98
C ALA A 789 1.01 -4.44 33.51
N LYS A 790 0.03 -4.66 32.63
CA LYS A 790 -1.23 -5.36 32.98
C LYS A 790 -1.04 -6.74 33.60
N TYR A 791 -0.06 -7.52 33.10
CA TYR A 791 0.14 -8.91 33.56
C TYR A 791 1.34 -9.07 34.51
N ASP A 792 1.90 -7.94 34.94
CA ASP A 792 3.08 -7.95 35.81
C ASP A 792 2.70 -7.83 37.28
N VAL A 793 2.59 -8.98 37.96
CA VAL A 793 2.24 -9.00 39.38
C VAL A 793 3.50 -9.15 40.23
N GLY A 794 4.06 -8.03 40.66
CA GLY A 794 5.30 -7.99 41.45
C GLY A 794 6.54 -8.22 40.62
N GLY A 795 6.60 -9.37 39.98
CA GLY A 795 7.69 -9.74 39.08
C GLY A 795 7.37 -11.02 38.34
N PHE A 796 6.27 -11.66 38.73
CA PHE A 796 5.85 -12.96 38.17
C PHE A 796 4.56 -12.80 37.35
N PRO A 797 4.26 -13.78 36.46
CA PRO A 797 3.05 -13.74 35.61
C PRO A 797 1.72 -13.69 36.39
N GLY A 798 0.69 -13.13 35.75
CA GLY A 798 -0.63 -13.01 36.36
C GLY A 798 -1.67 -13.92 35.72
N PRO A 799 -2.97 -13.60 35.90
CA PRO A 799 -4.06 -14.41 35.34
C PRO A 799 -4.20 -14.30 33.82
N LYS A 800 -4.41 -15.43 33.15
CA LYS A 800 -4.58 -15.51 31.70
C LYS A 800 -3.51 -14.73 30.91
N CYS A 801 -2.26 -14.85 31.37
CA CYS A 801 -1.13 -14.06 30.86
C CYS A 801 -0.56 -14.67 29.57
N PRO A 802 -0.59 -13.90 28.46
CA PRO A 802 -0.07 -14.35 27.16
C PRO A 802 1.34 -14.93 27.23
N PHE A 803 1.57 -15.98 26.45
CA PHE A 803 2.83 -16.72 26.46
C PHE A 803 4.06 -15.81 26.32
N HIS A 804 3.99 -14.88 25.37
CA HIS A 804 5.09 -13.97 25.06
C HIS A 804 5.32 -12.93 26.15
N ILE A 805 4.25 -12.49 26.80
CA ILE A 805 4.34 -11.51 27.89
C ILE A 805 5.02 -12.14 29.10
N ARG A 806 4.70 -13.40 29.35
CA ARG A 806 5.34 -14.20 30.39
C ARG A 806 6.85 -14.27 30.16
N GLY A 807 7.24 -14.49 28.90
CA GLY A 807 8.66 -14.52 28.49
C GLY A 807 9.40 -13.23 28.79
N ILE A 808 8.77 -12.10 28.47
CA ILE A 808 9.30 -10.78 28.80
C ILE A 808 9.52 -10.64 30.31
N LEU A 809 8.60 -11.19 31.08
CA LEU A 809 8.69 -11.11 32.54
C LEU A 809 9.90 -11.86 33.08
N THR A 810 10.13 -13.06 32.56
CA THR A 810 11.22 -13.91 33.04
C THR A 810 12.58 -13.33 32.66
N TYR A 811 12.60 -12.62 31.54
CA TYR A 811 13.79 -11.92 31.04
C TYR A 811 14.16 -10.79 31.98
N ASN A 812 13.18 -9.94 32.30
CA ASN A 812 13.37 -8.80 33.18
C ASN A 812 13.75 -9.22 34.59
N ARG A 813 13.20 -10.34 35.05
CA ARG A 813 13.59 -10.95 36.31
C ARG A 813 15.06 -11.37 36.29
N ALA A 814 15.49 -11.92 35.16
CA ALA A 814 16.85 -12.43 35.01
C ALA A 814 17.90 -11.34 34.76
N ILE A 815 17.47 -10.17 34.31
CA ILE A 815 18.42 -9.06 34.09
C ILE A 815 18.30 -7.94 35.14
N LYS A 816 17.41 -8.13 36.11
CA LYS A 816 17.14 -7.16 37.19
C LYS A 816 18.40 -6.82 37.98
N GLY A 817 18.38 -5.68 38.67
CA GLY A 817 19.56 -5.19 39.39
C GLY A 817 20.61 -4.67 38.42
N ASN A 818 21.18 -5.57 37.63
CA ASN A 818 22.08 -5.22 36.53
C ASN A 818 21.41 -4.19 35.62
N ILE A 819 22.08 -3.06 35.41
CA ILE A 819 21.53 -1.98 34.57
C ILE A 819 22.23 -1.92 33.20
N ASP A 820 22.89 -3.01 32.81
CA ASP A 820 23.74 -3.01 31.62
C ASP A 820 23.23 -3.85 30.44
N ALA A 821 22.00 -4.36 30.55
CA ALA A 821 21.39 -5.18 29.50
C ALA A 821 20.28 -4.42 28.77
N PRO A 822 20.12 -4.66 27.45
CA PRO A 822 19.04 -4.03 26.68
C PRO A 822 17.65 -4.34 27.24
N GLN A 823 16.97 -3.30 27.72
CA GLN A 823 15.68 -3.44 28.40
C GLN A 823 14.51 -3.58 27.43
N VAL A 824 13.43 -4.22 27.89
CA VAL A 824 12.20 -4.38 27.08
C VAL A 824 11.24 -3.22 27.27
N VAL A 825 10.73 -2.68 26.15
CA VAL A 825 9.83 -1.53 26.19
C VAL A 825 8.43 -1.89 25.68
N GLU A 826 7.41 -1.21 26.20
CA GLU A 826 6.04 -1.34 25.74
C GLU A 826 5.93 -1.05 24.25
N GLY A 827 5.09 -1.82 23.57
CA GLY A 827 4.81 -1.62 22.15
C GLY A 827 6.02 -1.82 21.26
N GLU A 828 6.82 -2.82 21.60
CA GLU A 828 8.00 -3.13 20.81
C GLU A 828 7.97 -4.61 20.43
N LYS A 829 8.77 -4.97 19.42
CA LYS A 829 8.88 -6.37 18.99
C LYS A 829 9.88 -7.13 19.83
N VAL A 830 9.59 -8.40 20.10
CA VAL A 830 10.49 -9.26 20.87
C VAL A 830 10.64 -10.66 20.27
N TYR A 831 11.87 -11.19 20.29
CA TYR A 831 12.09 -12.61 20.00
C TYR A 831 11.63 -13.44 21.19
N VAL A 832 11.12 -14.64 20.94
CA VAL A 832 10.61 -15.50 22.00
C VAL A 832 11.16 -16.91 21.83
N LEU A 833 11.55 -17.54 22.94
CA LEU A 833 12.01 -18.92 22.91
C LEU A 833 11.47 -19.72 24.09
N PRO A 834 11.05 -20.97 23.83
CA PRO A 834 10.62 -21.90 24.87
C PRO A 834 11.79 -22.45 25.67
N LEU A 835 11.57 -22.65 26.96
CA LEU A 835 12.57 -23.23 27.87
C LEU A 835 12.11 -24.60 28.35
N ARG A 836 13.05 -25.52 28.57
CA ARG A 836 12.75 -26.86 29.08
C ARG A 836 12.38 -26.84 30.55
N GLU A 837 11.67 -27.89 30.99
CA GLU A 837 11.19 -27.98 32.35
C GLU A 837 12.32 -27.96 33.38
N GLY A 838 12.09 -27.22 34.47
CA GLY A 838 13.06 -27.09 35.56
C GLY A 838 14.32 -26.31 35.22
N ASN A 839 14.18 -25.25 34.41
CA ASN A 839 15.30 -24.36 34.11
C ASN A 839 15.48 -23.31 35.21
N PRO A 840 16.68 -22.71 35.31
CA PRO A 840 16.97 -21.72 36.38
C PRO A 840 16.22 -20.38 36.27
N PHE A 841 15.52 -20.15 35.17
CA PHE A 841 14.80 -18.90 34.98
C PHE A 841 13.40 -18.96 35.57
N GLY A 842 13.02 -20.14 36.05
CA GLY A 842 11.75 -20.36 36.74
C GLY A 842 10.49 -20.06 35.94
N ASP A 843 10.48 -20.47 34.67
CA ASP A 843 9.31 -20.33 33.80
C ASP A 843 9.58 -21.06 32.50
N LYS A 844 8.55 -21.28 31.68
CA LYS A 844 8.70 -22.11 30.48
C LYS A 844 9.14 -21.37 29.20
N CYS A 845 9.42 -20.07 29.32
CA CYS A 845 9.88 -19.30 28.17
C CYS A 845 10.50 -17.96 28.56
N ILE A 846 11.24 -17.37 27.61
CA ILE A 846 11.92 -16.09 27.78
C ILE A 846 11.87 -15.31 26.46
N ALA A 847 11.88 -13.97 26.57
CA ALA A 847 11.81 -13.12 25.38
C ALA A 847 12.64 -11.85 25.52
N TRP A 848 13.36 -11.49 24.45
CA TRP A 848 14.21 -10.31 24.44
C TRP A 848 13.91 -9.45 23.20
N PRO A 849 14.48 -8.23 23.13
CA PRO A 849 14.11 -7.32 22.05
C PRO A 849 14.70 -7.76 20.72
N SER A 850 13.87 -7.77 19.68
CA SER A 850 14.30 -8.24 18.37
C SER A 850 15.40 -7.37 17.79
N GLY A 851 16.12 -7.91 16.81
CA GLY A 851 17.29 -7.24 16.24
C GLY A 851 18.44 -7.07 17.24
N THR A 852 18.36 -7.74 18.38
CA THR A 852 19.46 -7.77 19.36
C THR A 852 19.81 -9.19 19.75
N GLU A 853 21.09 -9.39 20.08
CA GLU A 853 21.57 -10.60 20.74
C GLU A 853 21.03 -10.65 22.17
N ILE A 854 21.01 -11.83 22.77
CA ILE A 854 20.79 -11.93 24.20
C ILE A 854 22.09 -11.49 24.86
N THR A 855 21.99 -10.78 25.98
CA THR A 855 23.18 -10.32 26.68
C THR A 855 24.02 -11.51 27.15
N ASP A 856 25.34 -11.31 27.15
CA ASP A 856 26.30 -12.36 27.50
C ASP A 856 26.10 -12.93 28.89
N LEU A 857 25.61 -12.09 29.80
CA LEU A 857 25.33 -12.50 31.17
C LEU A 857 24.54 -13.82 31.23
N ILE A 858 23.61 -14.00 30.30
CA ILE A 858 22.69 -15.12 30.35
C ILE A 858 22.54 -15.92 29.05
N LYS A 859 23.07 -15.39 27.94
CA LYS A 859 22.90 -16.03 26.63
C LYS A 859 23.10 -17.53 26.65
N ASP A 860 24.24 -17.98 27.16
CA ASP A 860 24.60 -19.38 27.09
C ASP A 860 23.74 -20.28 27.97
N ASP A 861 23.23 -19.71 29.06
CA ASP A 861 22.31 -20.43 29.95
C ASP A 861 20.97 -20.63 29.27
N VAL A 862 20.50 -19.56 28.63
CA VAL A 862 19.30 -19.62 27.80
C VAL A 862 19.44 -20.68 26.72
N LEU A 863 20.51 -20.59 25.92
CA LEU A 863 20.76 -21.51 24.82
C LEU A 863 20.81 -22.96 25.28
N HIS A 864 21.42 -23.17 26.45
CA HIS A 864 21.53 -24.51 27.02
C HIS A 864 20.17 -25.06 27.43
N TRP A 865 19.29 -24.18 27.91
CA TRP A 865 17.98 -24.61 28.38
C TRP A 865 16.85 -24.45 27.35
N MET A 866 17.20 -24.08 26.12
CA MET A 866 16.25 -24.01 25.02
C MET A 866 15.53 -25.31 24.82
N ASP A 867 14.27 -25.22 24.42
CA ASP A 867 13.46 -26.39 24.18
C ASP A 867 13.19 -26.47 22.69
N TYR A 868 14.17 -26.96 21.95
CA TYR A 868 14.06 -27.15 20.51
C TYR A 868 12.82 -27.95 20.11
N THR A 869 12.50 -28.99 20.88
CA THR A 869 11.39 -29.88 20.56
C THR A 869 10.09 -29.08 20.51
N VAL A 870 9.81 -28.34 21.58
CA VAL A 870 8.64 -27.46 21.63
C VAL A 870 8.71 -26.38 20.54
N LEU A 871 9.92 -25.87 20.29
CA LEU A 871 10.14 -24.80 19.31
C LEU A 871 9.79 -25.26 17.89
N LEU A 872 10.33 -26.41 17.51
CA LEU A 872 10.11 -26.97 16.19
C LEU A 872 8.65 -27.38 16.03
N GLU A 873 8.07 -27.91 17.11
CA GLU A 873 6.69 -28.36 17.09
C GLU A 873 5.74 -27.19 16.85
N LYS A 874 5.92 -26.14 17.65
CA LYS A 874 5.01 -25.02 17.67
C LYS A 874 5.13 -24.13 16.43
N THR A 875 6.35 -23.84 16.00
CA THR A 875 6.59 -22.92 14.89
C THR A 875 6.63 -23.58 13.51
N PHE A 876 7.07 -24.83 13.43
CA PHE A 876 7.25 -25.46 12.12
C PHE A 876 6.24 -26.55 11.81
N ILE A 877 6.24 -27.60 12.65
CA ILE A 877 5.40 -28.77 12.43
C ILE A 877 3.89 -28.43 12.43
N LYS A 878 3.42 -27.69 13.43
CA LYS A 878 1.99 -27.36 13.47
C LYS A 878 1.55 -26.74 12.15
N PRO A 879 2.21 -25.63 11.73
CA PRO A 879 1.88 -25.04 10.43
C PRO A 879 1.93 -26.04 9.28
N LEU A 880 3.00 -26.83 9.23
CA LEU A 880 3.19 -27.80 8.15
C LEU A 880 2.06 -28.84 8.13
N GLU A 881 1.69 -29.32 9.31
CA GLU A 881 0.63 -30.31 9.44
C GLU A 881 -0.67 -29.75 8.84
N GLY A 882 -0.93 -28.47 9.09
CA GLY A 882 -2.04 -27.78 8.46
C GLY A 882 -2.04 -27.92 6.96
N PHE A 883 -0.88 -27.76 6.34
CA PHE A 883 -0.76 -27.84 4.89
C PHE A 883 -0.94 -29.26 4.41
N THR A 884 -0.21 -30.19 5.03
CA THR A 884 -0.20 -31.58 4.57
C THR A 884 -1.54 -32.25 4.76
N SER A 885 -2.19 -32.03 5.89
CA SER A 885 -3.52 -32.62 6.11
C SER A 885 -4.55 -32.09 5.11
N ALA A 886 -4.49 -30.81 4.78
CA ALA A 886 -5.36 -30.23 3.75
C ALA A 886 -5.05 -30.81 2.37
N ALA A 887 -3.77 -31.02 2.09
CA ALA A 887 -3.38 -31.56 0.79
C ALA A 887 -3.46 -33.07 0.77
N LYS A 888 -3.75 -33.66 1.94
CA LYS A 888 -3.85 -35.12 2.11
C LYS A 888 -2.53 -35.88 1.84
N LEU A 889 -1.42 -35.30 2.29
CA LEU A 889 -0.10 -35.96 2.22
C LEU A 889 0.46 -36.16 3.63
N ASP A 890 1.53 -36.92 3.73
CA ASP A 890 2.26 -37.09 4.97
C ASP A 890 3.63 -36.46 4.82
N TYR A 891 4.07 -35.71 5.82
CA TYR A 891 5.43 -35.15 5.82
C TYR A 891 6.45 -36.11 6.43
N GLU A 892 5.93 -37.10 7.15
CA GLU A 892 6.72 -38.17 7.71
C GLU A 892 6.16 -39.45 7.09
N LYS A 893 7.05 -40.22 6.45
CA LYS A 893 6.67 -41.46 5.73
C LYS A 893 5.90 -42.41 6.65
N LYS A 894 4.74 -42.86 6.20
CA LYS A 894 3.96 -43.81 6.98
C LYS A 894 4.72 -45.12 7.08
N ALA A 895 4.71 -45.72 8.27
CA ALA A 895 5.36 -47.00 8.51
C ALA A 895 5.00 -48.01 7.42
N SER A 896 5.99 -48.83 7.04
CA SER A 896 5.80 -49.86 6.02
C SER A 896 6.21 -51.22 6.51
N LEU A 897 5.63 -52.25 5.89
CA LEU A 897 6.02 -53.62 6.15
C LEU A 897 7.46 -53.87 5.67
N PHE A 898 7.98 -52.96 4.83
CA PHE A 898 9.30 -53.12 4.23
C PHE A 898 10.42 -52.42 4.99
N ASP A 899 10.05 -51.49 5.89
CA ASP A 899 11.01 -50.68 6.68
C ASP A 899 12.19 -51.45 7.26
N MET A 900 11.92 -52.68 7.70
CA MET A 900 12.90 -53.46 8.43
C MET A 900 13.90 -54.18 7.53
N PHE A 901 13.80 -53.93 6.23
CA PHE A 901 14.66 -54.61 5.27
C PHE A 901 15.73 -53.70 4.70
N ASP A 902 16.95 -54.21 4.71
CA ASP A 902 18.11 -53.50 4.22
C ASP A 902 18.29 -53.68 2.71
N PHE A 903 17.69 -52.78 1.94
CA PHE A 903 17.79 -52.84 0.49
C PHE A 903 18.96 -52.01 0.00
N HIS A 904 19.41 -52.31 -1.21
CA HIS A 904 20.38 -51.49 -1.92
C HIS A 904 19.68 -50.28 -2.57
N HIS A 905 18.39 -50.41 -2.86
CA HIS A 905 17.66 -49.34 -3.53
C HIS A 905 16.48 -48.74 -2.75
N HIS A 906 15.45 -48.30 -3.45
CA HIS A 906 14.50 -47.33 -2.90
C HIS A 906 13.07 -47.85 -2.79
S SO4 B . 15.44 -30.16 23.21
O1 SO4 B . 15.65 -30.74 24.54
O2 SO4 B . 16.24 -30.87 22.21
O3 SO4 B . 14.03 -30.26 22.87
O4 SO4 B . 15.81 -28.75 23.26
S SO4 C . -25.28 35.52 -9.24
O1 SO4 C . -25.63 34.81 -8.02
O2 SO4 C . -26.24 35.19 -10.29
O3 SO4 C . -25.32 36.96 -8.95
O4 SO4 C . -23.95 35.13 -9.69
S SO4 D . 1.42 -14.79 5.52
O1 SO4 D . 0.47 -15.58 6.31
O2 SO4 D . 2.63 -15.55 5.21
O3 SO4 D . 0.79 -14.41 4.27
O4 SO4 D . 1.81 -13.62 6.30
S SO4 E . -19.36 -24.07 -27.22
O1 SO4 E . -20.05 -25.25 -26.67
O2 SO4 E . -18.64 -24.41 -28.44
O3 SO4 E . -20.33 -23.00 -27.54
O4 SO4 E . -18.39 -23.57 -26.26
O5' GMP F . -19.60 31.54 -8.98
C5' GMP F . -19.79 30.55 -8.00
C4' GMP F . -18.99 30.88 -6.73
O4' GMP F . -19.51 30.21 -5.60
C3' GMP F . -17.54 30.44 -6.86
O3' GMP F . -16.76 31.40 -6.21
C2' GMP F . -17.47 29.11 -6.13
O2' GMP F . -16.23 28.91 -5.48
C1' GMP F . -18.62 29.19 -5.12
N9 GMP F . -19.31 27.89 -4.93
C8 GMP F . -19.41 27.26 -3.71
N7 GMP F . -20.10 26.11 -3.87
C5 GMP F . -20.46 25.99 -5.17
C6 GMP F . -21.17 25.00 -5.84
O6 GMP F . -21.60 24.02 -5.24
N1 GMP F . -21.41 25.13 -7.20
C2 GMP F . -20.92 26.24 -7.87
N2 GMP F . -21.15 26.35 -9.18
N3 GMP F . -20.21 27.22 -7.19
C4 GMP F . -19.98 27.11 -5.85
#